data_7XZ5
#
_entry.id   7XZ5
#
_cell.length_a   1.00
_cell.length_b   1.00
_cell.length_c   1.00
_cell.angle_alpha   90.00
_cell.angle_beta   90.00
_cell.angle_gamma   90.00
#
_symmetry.space_group_name_H-M   'P 1'
#
loop_
_entity.id
_entity.type
_entity.pdbx_description
1 polymer 'Guanine nucleotide-binding protein G(s) subunit alpha isoforms short'
2 polymer 'Guanine nucleotide-binding protein G(I)/G(S)/G(T) subunit beta-1'
3 polymer 'Guanine nucleotide-binding protein G(I)/G(S)/G(O) subunit gamma-2'
4 polymer Nanobody35
5 polymer 'Soluble cytochrome b562,Glucose-dependent insulinotropic receptor'
6 non-polymer '(4R,7R,18E)-4,7-dihydroxy-N,N,N-trimethyl-10-oxo-3,5,9-trioxa-4-phosphaheptacos-18-en-1-aminium 4-oxide'
#
loop_
_entity_poly.entity_id
_entity_poly.type
_entity_poly.pdbx_seq_one_letter_code
_entity_poly.pdbx_strand_id
1 'polypeptide(L)'
;MGCLGNSKTEDQRNEEKAQREANKKIEKQLQKDKQVYRATHRLLLLGAGESGKNTIVKQMRILHVNGFNGEGGEEDPQAA
RSNSDGEKATKVQDIKNNLKEAIETIVAAMSNLVPPVELANPENQFRVDYILSVMNVPDFDFPPEFYEHAKALWEDEGVR
ACYERSNEYQLIDCAQYFLDKIDVIKQADYVPSDQDLLRCRVLTSGIFETKFQVDKVNFHMFDVGAQRDERRKWIQCFND
VTAIIFVVASSSYNMVIREDNQTNRLQAALKLFDSIWNNKWLRDTSVILFLNKQDLLAEKVLAGKSKIEDYFPEFARYTT
PEDATPEPGEDPRVTRAKYFIRDEFLRISTASGDGRHYCYPHFTCSVDTENIRRVFNDCRDIIQRMHLRQYELL
;
A
2 'polypeptide(L)'
;MGSLLQSELDQLRQEAEQLKNQIRDARKACADATLSQITNNIDPVGRIQMRTRRTLRGHLAKIYAMHWGTDSRLLVSASQ
DGKLIIWDSYTTNKVHAIPLRSSWVMTCAYAPSGNYVACGGLDNICSIYNLKTREGNVRVSRELAGHTGYLSCCRFLDDN
QIVTSSGDTTCALWDIETGQQTTTFTGHTGDVMSLSLAPDTRLFVSGACDASAKLWDVREGMCRQTFTGHESDINAICFF
PNGNAFATGSDDATCRLFDLRADQELMTYSHDNIICGITSVSFSKSGRLLLAGYDDFNCNVWDALKADRAGVLAGHDNRV
SCLGVTDDGMAVATGSWDSFLKIWN
;
B
3 'polypeptide(L)' MASNNTASIAQARKLVEQLKMEANIDRIKVSKAAADLMAYCEAHAKEDPLLTPVPASENPFREKKFFCAIL G
4 'polypeptide(L)'
;MQVQLQESGGGLVQPGGSLRLSCAASGFTFSNYKMNWVRQAPGKGLEWVSDISQSGASISYTGSVKGRFTISRDNAKNTL
YLQMNSLKPEDTAVYYCARCPAPFTRDCFDVTSTTYAYRGQGTQVTVSSHHHHHHEPEA
;
N
5 'polypeptide(L)'
;DYKDDDDAKLQTMHHHHHHHHHHHHHHHADLEDNWETLNDNLKVIEKADNAAQVKDALTKMRAAALDAQKATPPKLEDKS
PDSPEMKDFRHGFDILVGQIDDALKLANEGKVKEAQAAAEQLKTTRNAYIQKYLASENLYFQGGGGGSGTMESSFSFGVI
LAVLASLIIATNTLVAVAVLLLIHKNDGVSLCFTLNLAVADTLIGVAISGLLTDQLSSPSRPTQKTLCSLRMAFVTSSAA
ASVLTVMLITFDRYLAIKQPFRYLKIMSGFVAGACIAGLWLVSYLIGFLPLGIPMFQQTAYKGQCSFFAVFHPHFVLTLS
CVGFFPAMLLFVFFYCDMLKIASMHSQQIRKMEHAGAMAGGYRSPRTPSDFKALRTVSVLIGSFALSWTPFLITGIVQVA
CQECHLYLVLERYLWLLGVGNSLLNPLIYAYWQKEVRLQLYHMALGVKKVLTSFLLFLSARNCGPERPRESSCHIVTISS
SEFDG
;
R
#
loop_
_chem_comp.id
_chem_comp.type
_chem_comp.name
_chem_comp.formula
LSC non-polymer '(4R,7R,18E)-4,7-dihydroxy-N,N,N-trimethyl-10-oxo-3,5,9-trioxa-4-phosphaheptacos-18-en-1-aminium 4-oxide' 'C26 H53 N O7 P 1'
#
# COMPACT_ATOMS: atom_id res chain seq x y z
N THR A 9 -14.71 -34.47 28.19
CA THR A 9 -13.62 -34.52 27.18
C THR A 9 -12.34 -33.90 27.73
N GLU A 10 -11.66 -34.65 28.60
CA GLU A 10 -10.43 -34.14 29.20
C GLU A 10 -9.32 -33.98 28.16
N ASP A 11 -9.27 -34.89 27.18
CA ASP A 11 -8.24 -34.79 26.14
C ASP A 11 -8.38 -33.49 25.35
N GLN A 12 -9.63 -33.10 25.05
CA GLN A 12 -9.85 -31.86 24.32
C GLN A 12 -9.32 -30.67 25.11
N ARG A 13 -9.59 -30.62 26.41
CA ARG A 13 -9.09 -29.53 27.23
C ARG A 13 -7.57 -29.56 27.31
N ASN A 14 -6.97 -30.74 27.41
CA ASN A 14 -5.52 -30.84 27.46
C ASN A 14 -4.89 -30.32 26.18
N GLU A 15 -5.41 -30.73 25.02
CA GLU A 15 -4.85 -30.24 23.76
C GLU A 15 -5.12 -28.75 23.57
N GLU A 16 -6.25 -28.24 24.07
CA GLU A 16 -6.50 -26.81 24.02
C GLU A 16 -5.47 -26.06 24.86
N LYS A 17 -5.15 -26.58 26.05
CA LYS A 17 -4.14 -25.95 26.89
C LYS A 17 -2.78 -25.97 26.21
N ALA A 18 -2.43 -27.09 25.58
CA ALA A 18 -1.17 -27.17 24.85
C ALA A 18 -1.14 -26.15 23.71
N GLN A 19 -2.26 -26.02 22.99
CA GLN A 19 -2.34 -25.03 21.92
C GLN A 19 -2.18 -23.62 22.46
N ARG A 20 -2.78 -23.33 23.62
CA ARG A 20 -2.62 -22.01 24.22
C ARG A 20 -1.17 -21.75 24.62
N GLU A 21 -0.48 -22.76 25.15
CA GLU A 21 0.93 -22.59 25.47
C GLU A 21 1.75 -22.32 24.21
N ALA A 22 1.49 -23.07 23.14
CA ALA A 22 2.19 -22.82 21.87
C ALA A 22 1.88 -21.42 21.36
N ASN A 23 0.63 -20.98 21.50
CA ASN A 23 0.26 -19.64 21.08
C ASN A 23 1.01 -18.58 21.88
N LYS A 24 1.15 -18.79 23.18
CA LYS A 24 1.91 -17.85 24.00
C LYS A 24 3.37 -17.78 23.56
N LYS A 25 3.97 -18.94 23.31
CA LYS A 25 5.36 -18.95 22.85
C LYS A 25 5.49 -18.23 21.51
N ILE A 26 4.56 -18.48 20.58
CA ILE A 26 4.60 -17.84 19.28
C ILE A 26 4.38 -16.34 19.43
N GLU A 27 3.53 -15.92 20.35
CA GLU A 27 3.30 -14.50 20.58
C GLU A 27 4.56 -13.82 21.09
N LYS A 28 5.27 -14.47 22.02
CA LYS A 28 6.53 -13.89 22.50
C LYS A 28 7.55 -13.79 21.38
N GLN A 29 7.68 -14.85 20.56
CA GLN A 29 8.63 -14.82 19.46
C GLN A 29 8.27 -13.73 18.46
N LEU A 30 6.98 -13.59 18.16
CA LEU A 30 6.54 -12.57 17.20
C LEU A 30 6.72 -11.17 17.78
N GLN A 31 6.60 -11.02 19.10
CA GLN A 31 6.87 -9.72 19.71
C GLN A 31 8.34 -9.35 19.55
N LYS A 32 9.25 -10.31 19.80
CA LYS A 32 10.66 -10.04 19.59
C LYS A 32 10.94 -9.72 18.12
N ASP A 33 10.32 -10.48 17.20
CA ASP A 33 10.51 -10.24 15.78
C ASP A 33 10.01 -8.85 15.38
N LYS A 34 8.86 -8.44 15.92
CA LYS A 34 8.33 -7.11 15.66
C LYS A 34 9.29 -6.04 16.18
N GLN A 35 9.81 -6.24 17.39
CA GLN A 35 10.73 -5.25 17.95
C GLN A 35 11.97 -5.08 17.08
N VAL A 36 12.54 -6.20 16.62
CA VAL A 36 13.73 -6.10 15.77
C VAL A 36 13.37 -5.52 14.41
N TYR A 37 12.18 -5.86 13.88
CA TYR A 37 11.80 -5.42 12.55
C TYR A 37 11.57 -3.91 12.51
N ARG A 38 10.83 -3.38 13.49
CA ARG A 38 10.52 -1.95 13.49
C ARG A 38 11.78 -1.10 13.62
N ALA A 39 12.85 -1.66 14.19
CA ALA A 39 14.09 -0.92 14.35
C ALA A 39 14.97 -0.96 13.10
N THR A 40 14.57 -1.69 12.07
CA THR A 40 15.37 -1.83 10.84
C THR A 40 14.67 -1.08 9.70
N HIS A 41 15.47 -0.41 8.88
CA HIS A 41 14.97 0.34 7.74
C HIS A 41 15.34 -0.38 6.45
N ARG A 42 14.38 -0.52 5.54
CA ARG A 42 14.55 -1.24 4.30
C ARG A 42 14.63 -0.24 3.15
N LEU A 43 15.62 -0.44 2.28
CA LEU A 43 15.86 0.44 1.14
C LEU A 43 15.90 -0.39 -0.13
N LEU A 44 15.44 0.21 -1.23
CA LEU A 44 15.45 -0.42 -2.54
C LEU A 44 16.44 0.30 -3.44
N LEU A 45 17.35 -0.46 -4.04
CA LEU A 45 18.32 0.07 -4.97
C LEU A 45 17.87 -0.25 -6.40
N LEU A 46 17.80 0.78 -7.24
CA LEU A 46 17.31 0.63 -8.60
C LEU A 46 18.14 1.47 -9.54
N GLY A 47 18.02 1.18 -10.83
CA GLY A 47 18.77 1.90 -11.84
C GLY A 47 19.24 0.99 -12.97
N ALA A 48 19.60 1.59 -14.10
CA ALA A 48 20.05 0.81 -15.25
C ALA A 48 21.37 0.11 -14.93
N GLY A 49 21.60 -1.01 -15.62
CA GLY A 49 22.83 -1.77 -15.41
C GLY A 49 24.08 -0.99 -15.74
N GLU A 50 24.05 -0.14 -16.77
CA GLU A 50 25.22 0.66 -17.11
C GLU A 50 25.53 1.71 -16.06
N SER A 51 24.59 2.00 -15.16
CA SER A 51 24.83 2.99 -14.13
C SER A 51 25.81 2.45 -13.09
N GLY A 52 26.35 3.35 -12.28
CA GLY A 52 27.34 2.99 -11.28
C GLY A 52 26.73 2.44 -10.01
N LYS A 53 25.51 1.91 -10.08
CA LYS A 53 24.87 1.35 -8.90
C LYS A 53 25.67 0.17 -8.35
N ASN A 54 26.24 -0.66 -9.22
CA ASN A 54 27.03 -1.79 -8.75
C ASN A 54 28.25 -1.33 -7.96
N THR A 55 28.93 -0.27 -8.40
CA THR A 55 30.08 0.23 -7.66
C THR A 55 29.66 0.76 -6.30
N ILE A 56 28.48 1.37 -6.21
CA ILE A 56 27.99 1.88 -4.93
C ILE A 56 27.81 0.73 -3.94
N VAL A 57 27.25 -0.38 -4.41
CA VAL A 57 27.06 -1.53 -3.53
C VAL A 57 28.40 -2.05 -3.03
N LYS A 58 29.38 -2.17 -3.93
CA LYS A 58 30.70 -2.64 -3.52
C LYS A 58 31.34 -1.71 -2.51
N GLN A 59 31.23 -0.40 -2.74
CA GLN A 59 31.80 0.57 -1.82
C GLN A 59 31.15 0.49 -0.45
N MET A 60 29.82 0.37 -0.40
CA MET A 60 29.13 0.30 0.88
C MET A 60 29.38 -1.01 1.60
N ARG A 61 29.56 -2.11 0.85
CA ARG A 61 29.88 -3.39 1.48
C ARG A 61 31.26 -3.39 2.10
N ILE A 62 32.20 -2.63 1.54
CA ILE A 62 33.55 -2.56 2.07
C ILE A 62 33.54 -1.98 3.48
N THR A 204 22.93 -15.88 -8.87
CA THR A 204 21.80 -16.28 -9.70
C THR A 204 20.47 -15.98 -9.00
N SER A 205 20.55 -15.61 -7.72
CA SER A 205 19.35 -15.29 -6.97
C SER A 205 18.66 -14.06 -7.54
N GLY A 206 17.35 -13.98 -7.33
CA GLY A 206 16.56 -12.89 -7.88
C GLY A 206 16.64 -11.59 -7.11
N ILE A 207 17.35 -11.56 -5.98
CA ILE A 207 17.51 -10.35 -5.20
C ILE A 207 18.74 -10.50 -4.33
N PHE A 208 19.39 -9.37 -4.04
CA PHE A 208 20.60 -9.35 -3.22
C PHE A 208 20.39 -8.39 -2.06
N GLU A 209 20.89 -8.76 -0.89
CA GLU A 209 20.73 -7.99 0.33
C GLU A 209 22.09 -7.55 0.85
N THR A 210 22.24 -6.26 1.13
CA THR A 210 23.43 -5.70 1.74
C THR A 210 23.03 -5.02 3.04
N LYS A 211 23.68 -5.40 4.14
CA LYS A 211 23.38 -4.89 5.46
C LYS A 211 24.54 -4.05 5.97
N PHE A 212 24.24 -2.84 6.42
CA PHE A 212 25.26 -1.94 6.96
C PHE A 212 24.63 -1.13 8.09
N GLN A 213 25.48 -0.70 9.02
CA GLN A 213 25.05 0.07 10.18
C GLN A 213 25.67 1.46 10.12
N VAL A 214 24.85 2.48 10.33
CA VAL A 214 25.29 3.86 10.35
C VAL A 214 24.84 4.47 11.67
N ASP A 215 25.81 4.92 12.48
CA ASP A 215 25.53 5.46 13.80
C ASP A 215 24.70 4.48 14.61
N LYS A 216 25.04 3.19 14.52
CA LYS A 216 24.33 2.13 15.20
C LYS A 216 22.86 2.08 14.78
N VAL A 217 22.58 2.37 13.51
CA VAL A 217 21.25 2.28 12.93
C VAL A 217 21.31 1.25 11.80
N ASN A 218 20.41 0.27 11.86
CA ASN A 218 20.41 -0.82 10.90
C ASN A 218 19.68 -0.42 9.63
N PHE A 219 20.34 -0.61 8.49
CA PHE A 219 19.77 -0.34 7.18
C PHE A 219 19.87 -1.60 6.32
N HIS A 220 18.77 -1.97 5.67
CA HIS A 220 18.73 -3.11 4.76
C HIS A 220 18.50 -2.60 3.35
N MET A 221 19.39 -2.94 2.45
CA MET A 221 19.32 -2.52 1.05
C MET A 221 19.10 -3.74 0.17
N PHE A 222 18.13 -3.65 -0.74
CA PHE A 222 17.78 -4.73 -1.64
C PHE A 222 18.11 -4.33 -3.08
N ASP A 223 18.88 -5.18 -3.76
CA ASP A 223 19.22 -4.98 -5.16
C ASP A 223 18.52 -6.06 -5.97
N VAL A 224 17.68 -5.64 -6.92
CA VAL A 224 16.85 -6.57 -7.69
C VAL A 224 17.62 -7.04 -8.91
N GLY A 225 18.41 -8.10 -8.75
CA GLY A 225 19.12 -8.67 -9.88
C GLY A 225 18.47 -9.95 -10.38
N ALA A 226 18.92 -10.39 -11.56
CA ALA A 226 18.42 -11.62 -12.16
C ALA A 226 16.91 -11.57 -12.38
N GLN A 227 16.38 -10.38 -12.61
CA GLN A 227 14.96 -10.19 -12.88
C GLN A 227 14.77 -9.58 -14.26
N ARG A 228 13.64 -9.90 -14.88
CA ARG A 228 13.31 -9.37 -16.19
C ARG A 228 13.00 -7.88 -16.10
N ASP A 229 13.14 -7.21 -17.24
CA ASP A 229 12.97 -5.76 -17.29
C ASP A 229 11.53 -5.32 -17.06
N GLU A 230 10.57 -6.24 -17.07
CA GLU A 230 9.18 -5.91 -16.80
C GLU A 230 9.01 -5.70 -15.31
N ARG A 231 9.14 -4.45 -14.86
CA ARG A 231 9.13 -4.12 -13.44
C ARG A 231 7.73 -3.85 -12.89
N ARG A 232 6.71 -3.79 -13.75
CA ARG A 232 5.40 -3.30 -13.30
C ARG A 232 4.77 -4.20 -12.23
N LYS A 233 5.19 -5.46 -12.12
CA LYS A 233 4.56 -6.36 -11.17
C LYS A 233 5.36 -6.48 -9.87
N TRP A 234 6.63 -6.88 -9.95
CA TRP A 234 7.40 -7.09 -8.73
C TRP A 234 7.79 -5.79 -8.04
N ILE A 235 7.66 -4.64 -8.72
CA ILE A 235 7.95 -3.37 -8.06
C ILE A 235 6.92 -3.07 -6.98
N GLN A 236 5.70 -3.59 -7.12
CA GLN A 236 4.66 -3.32 -6.13
C GLN A 236 5.04 -3.84 -4.76
N CYS A 237 5.91 -4.85 -4.69
CA CYS A 237 6.28 -5.43 -3.40
C CYS A 237 7.01 -4.41 -2.52
N PHE A 238 7.68 -3.43 -3.13
CA PHE A 238 8.47 -2.44 -2.39
C PHE A 238 7.67 -1.18 -2.08
N ASN A 239 6.35 -1.28 -1.94
CA ASN A 239 5.53 -0.12 -1.63
C ASN A 239 5.68 0.34 -0.19
N ASP A 240 6.30 -0.45 0.68
CA ASP A 240 6.44 -0.11 2.08
C ASP A 240 7.89 0.18 2.46
N VAL A 241 8.79 0.26 1.49
CA VAL A 241 10.19 0.56 1.80
C VAL A 241 10.31 2.02 2.24
N THR A 242 11.34 2.27 3.06
CA THR A 242 11.55 3.62 3.57
C THR A 242 11.83 4.60 2.44
N ALA A 243 12.68 4.21 1.49
CA ALA A 243 13.01 5.06 0.36
C ALA A 243 13.52 4.20 -0.78
N ILE A 244 13.39 4.72 -2.00
CA ILE A 244 13.89 4.06 -3.19
C ILE A 244 15.11 4.84 -3.69
N ILE A 245 16.26 4.19 -3.72
CA ILE A 245 17.49 4.81 -4.18
C ILE A 245 17.57 4.63 -5.69
N PHE A 246 17.26 5.69 -6.43
CA PHE A 246 17.30 5.68 -7.88
C PHE A 246 18.62 6.25 -8.35
N VAL A 247 19.46 5.40 -8.95
CA VAL A 247 20.80 5.79 -9.40
C VAL A 247 20.76 5.93 -10.90
N VAL A 248 21.07 7.14 -11.37
CA VAL A 248 21.08 7.46 -12.80
C VAL A 248 22.42 8.11 -13.14
N ALA A 249 23.05 7.64 -14.20
CA ALA A 249 24.31 8.22 -14.66
C ALA A 249 23.99 9.46 -15.50
N SER A 250 24.38 10.63 -14.99
CA SER A 250 24.10 11.87 -15.70
C SER A 250 24.77 11.90 -17.06
N SER A 251 26.02 11.44 -17.13
CA SER A 251 26.76 11.42 -18.38
C SER A 251 26.36 10.21 -19.23
N SER A 252 25.08 10.14 -19.60
CA SER A 252 24.59 9.02 -20.40
C SER A 252 23.90 9.47 -21.68
N TYR A 253 23.77 10.78 -21.89
CA TYR A 253 23.18 11.28 -23.12
C TYR A 253 24.11 10.99 -24.30
N ASN A 254 23.52 10.49 -25.39
CA ASN A 254 24.28 10.12 -26.57
C ASN A 254 25.06 11.31 -27.11
N THR A 263 21.34 3.93 -27.35
CA THR A 263 20.08 4.54 -26.93
C THR A 263 20.34 5.65 -25.92
N ASN A 264 19.46 6.65 -25.90
CA ASN A 264 19.56 7.76 -24.96
C ASN A 264 19.12 7.23 -23.60
N ARG A 265 20.09 6.79 -22.79
CA ARG A 265 19.76 6.20 -21.50
C ARG A 265 19.21 7.24 -20.53
N LEU A 266 19.55 8.51 -20.71
CA LEU A 266 19.03 9.54 -19.81
C LEU A 266 17.52 9.68 -19.96
N GLN A 267 17.02 9.65 -21.20
CA GLN A 267 15.57 9.73 -21.41
C GLN A 267 14.87 8.52 -20.81
N ALA A 268 15.46 7.33 -20.98
CA ALA A 268 14.88 6.13 -20.39
C ALA A 268 14.86 6.23 -18.87
N ALA A 269 15.93 6.77 -18.27
CA ALA A 269 15.95 6.95 -16.82
C ALA A 269 14.88 7.93 -16.38
N LEU A 270 14.70 9.02 -17.13
CA LEU A 270 13.65 9.98 -16.79
C LEU A 270 12.27 9.34 -16.85
N LYS A 271 12.01 8.56 -17.90
CA LYS A 271 10.72 7.89 -18.01
C LYS A 271 10.52 6.89 -16.88
N LEU A 272 11.56 6.13 -16.53
CA LEU A 272 11.45 5.19 -15.42
C LEU A 272 11.17 5.92 -14.11
N PHE A 273 11.86 7.03 -13.87
CA PHE A 273 11.63 7.81 -12.66
C PHE A 273 10.20 8.31 -12.61
N ASP A 274 9.69 8.81 -13.74
CA ASP A 274 8.30 9.24 -13.79
C ASP A 274 7.36 8.09 -13.47
N SER A 275 7.65 6.91 -14.02
CA SER A 275 6.79 5.76 -13.78
C SER A 275 6.76 5.38 -12.30
N ILE A 276 7.93 5.33 -11.64
CA ILE A 276 7.96 5.00 -10.22
C ILE A 276 7.24 6.08 -9.41
N TRP A 277 7.49 7.35 -9.73
CA TRP A 277 6.90 8.42 -8.93
C TRP A 277 5.38 8.44 -9.06
N ASN A 278 4.86 8.20 -10.26
CA ASN A 278 3.43 8.29 -10.52
C ASN A 278 2.71 6.96 -10.35
N ASN A 279 3.39 5.91 -9.92
CA ASN A 279 2.75 4.61 -9.74
C ASN A 279 1.72 4.69 -8.62
N LYS A 280 0.63 3.94 -8.78
CA LYS A 280 -0.47 4.01 -7.82
C LYS A 280 -0.03 3.56 -6.43
N TRP A 281 0.73 2.47 -6.35
CA TRP A 281 1.10 1.90 -5.06
C TRP A 281 2.39 2.48 -4.50
N LEU A 282 3.21 3.12 -5.32
CA LEU A 282 4.46 3.70 -4.86
C LEU A 282 4.34 5.17 -4.47
N ARG A 283 3.13 5.72 -4.49
CA ARG A 283 2.94 7.13 -4.12
C ARG A 283 3.27 7.42 -2.67
N ASP A 284 3.35 6.39 -1.82
CA ASP A 284 3.67 6.56 -0.41
C ASP A 284 5.16 6.43 -0.12
N THR A 285 5.99 6.23 -1.14
CA THR A 285 7.41 6.00 -0.97
C THR A 285 8.20 7.18 -1.53
N SER A 286 9.13 7.70 -0.74
CA SER A 286 10.03 8.74 -1.21
C SER A 286 11.16 8.12 -2.02
N VAL A 287 11.70 8.90 -2.95
CA VAL A 287 12.75 8.45 -3.87
C VAL A 287 14.00 9.27 -3.61
N ILE A 288 15.11 8.59 -3.37
CA ILE A 288 16.41 9.23 -3.24
C ILE A 288 17.09 9.14 -4.62
N LEU A 289 17.25 10.28 -5.27
CA LEU A 289 17.76 10.34 -6.64
C LEU A 289 19.27 10.58 -6.58
N PHE A 290 20.04 9.59 -7.03
CA PHE A 290 21.49 9.70 -7.09
C PHE A 290 21.90 10.03 -8.53
N LEU A 291 22.45 11.22 -8.74
CA LEU A 291 22.98 11.63 -10.04
C LEU A 291 24.45 11.24 -10.07
N ASN A 292 24.73 10.05 -10.59
CA ASN A 292 26.06 9.46 -10.55
C ASN A 292 26.84 9.85 -11.80
N LYS A 293 28.11 9.41 -11.83
CA LYS A 293 28.99 9.67 -12.97
C LYS A 293 29.16 11.16 -13.22
N GLN A 294 29.32 11.93 -12.13
CA GLN A 294 29.48 13.37 -12.26
C GLN A 294 30.81 13.74 -12.90
N ASP A 295 31.88 13.00 -12.60
CA ASP A 295 33.18 13.29 -13.21
C ASP A 295 33.14 13.06 -14.71
N LEU A 296 32.48 12.00 -15.15
CA LEU A 296 32.32 11.76 -16.58
C LEU A 296 31.57 12.89 -17.24
N LEU A 297 30.49 13.36 -16.63
CA LEU A 297 29.76 14.49 -17.18
C LEU A 297 30.64 15.73 -17.25
N ALA A 298 31.41 16.00 -16.19
CA ALA A 298 32.26 17.18 -16.17
C ALA A 298 33.28 17.14 -17.29
N GLU A 299 33.94 15.99 -17.48
CA GLU A 299 34.92 15.88 -18.56
C GLU A 299 34.26 15.87 -19.93
N LYS A 300 33.00 15.45 -20.02
CA LYS A 300 32.31 15.45 -21.30
C LYS A 300 31.85 16.85 -21.72
N VAL A 301 31.40 17.66 -20.78
CA VAL A 301 30.86 18.98 -21.09
C VAL A 301 31.94 20.05 -21.05
N LEU A 302 33.03 19.82 -20.31
CA LEU A 302 34.09 20.81 -20.25
C LEU A 302 34.70 21.04 -21.63
N ALA A 303 34.92 19.97 -22.39
CA ALA A 303 35.46 20.07 -23.74
C ALA A 303 35.03 18.84 -24.52
N GLY A 304 34.08 19.01 -25.42
CA GLY A 304 33.60 17.89 -26.20
C GLY A 304 32.57 18.35 -27.21
N LYS A 305 32.30 17.47 -28.17
CA LYS A 305 31.34 17.74 -29.23
C LYS A 305 29.93 17.27 -28.90
N SER A 306 29.73 16.62 -27.76
CA SER A 306 28.43 16.09 -27.37
C SER A 306 27.59 17.23 -26.82
N LYS A 307 26.88 17.90 -27.72
CA LYS A 307 26.03 19.01 -27.34
C LYS A 307 24.77 18.50 -26.63
N ILE A 308 24.46 19.09 -25.48
CA ILE A 308 23.26 18.69 -24.75
C ILE A 308 22.01 19.14 -25.48
N GLU A 309 22.04 20.35 -26.06
CA GLU A 309 20.87 20.88 -26.75
C GLU A 309 20.43 19.99 -27.91
N ASP A 310 21.35 19.22 -28.50
CA ASP A 310 20.96 18.32 -29.58
C ASP A 310 19.98 17.26 -29.12
N TYR A 311 20.02 16.90 -27.83
CA TYR A 311 19.10 15.92 -27.27
C TYR A 311 18.11 16.53 -26.29
N PHE A 312 18.38 17.72 -25.76
CA PHE A 312 17.47 18.44 -24.88
C PHE A 312 17.38 19.88 -25.37
N PRO A 313 16.50 20.18 -26.33
CA PRO A 313 16.47 21.52 -26.92
C PRO A 313 16.18 22.62 -25.91
N GLU A 314 15.51 22.32 -24.80
CA GLU A 314 15.23 23.34 -23.80
C GLU A 314 16.50 23.80 -23.08
N PHE A 315 17.61 23.08 -23.25
CA PHE A 315 18.85 23.47 -22.60
C PHE A 315 19.37 24.81 -23.13
N ALA A 316 19.14 25.09 -24.41
CA ALA A 316 19.64 26.32 -25.01
C ALA A 316 19.03 27.57 -24.37
N ARG A 317 17.88 27.45 -23.71
CA ARG A 317 17.22 28.58 -23.06
C ARG A 317 17.14 28.41 -21.55
N TYR A 318 18.07 27.65 -20.96
CA TYR A 318 18.10 27.39 -19.54
C TYR A 318 19.34 28.05 -18.93
N THR A 319 19.16 28.68 -17.77
CA THR A 319 20.25 29.32 -17.05
C THR A 319 20.32 28.76 -15.64
N THR A 320 21.53 28.73 -15.09
CA THR A 320 21.72 28.19 -13.75
C THR A 320 20.92 29.00 -12.74
N PRO A 321 20.17 28.36 -11.84
CA PRO A 321 19.42 29.13 -10.84
C PRO A 321 20.35 29.89 -9.92
N GLU A 322 19.89 31.06 -9.46
CA GLU A 322 20.68 31.88 -8.56
C GLU A 322 20.93 31.21 -7.23
N ASP A 323 20.02 30.37 -6.76
CA ASP A 323 20.15 29.67 -5.48
C ASP A 323 20.86 28.33 -5.67
N ALA A 324 22.07 28.37 -6.21
CA ALA A 324 22.87 27.19 -6.45
C ALA A 324 24.25 27.36 -5.83
N THR A 325 24.75 26.30 -5.18
CA THR A 325 26.06 26.33 -4.54
C THR A 325 27.02 25.43 -5.30
N PRO A 326 27.91 25.97 -6.12
CA PRO A 326 28.86 25.12 -6.83
C PRO A 326 30.11 24.84 -6.01
N GLU A 327 30.66 23.66 -6.22
CA GLU A 327 31.92 23.30 -5.58
C GLU A 327 33.02 24.20 -6.11
N PRO A 328 33.91 24.74 -5.27
CA PRO A 328 34.97 25.62 -5.78
C PRO A 328 35.83 24.95 -6.84
N GLY A 329 35.76 25.45 -8.06
CA GLY A 329 36.58 24.96 -9.15
C GLY A 329 35.81 24.45 -10.37
N GLU A 330 34.51 24.21 -10.28
CA GLU A 330 33.77 23.74 -11.45
C GLU A 330 33.50 24.89 -12.40
N ASP A 331 33.64 24.62 -13.70
CA ASP A 331 33.33 25.62 -14.70
C ASP A 331 31.82 25.90 -14.70
N PRO A 332 31.41 27.13 -15.02
CA PRO A 332 29.96 27.42 -15.00
C PRO A 332 29.14 26.52 -15.89
N ARG A 333 29.70 26.07 -17.03
CA ARG A 333 28.95 25.18 -17.91
C ARG A 333 28.66 23.85 -17.24
N VAL A 334 29.61 23.30 -16.49
CA VAL A 334 29.38 22.04 -15.80
C VAL A 334 28.25 22.18 -14.79
N THR A 335 28.28 23.26 -14.01
CA THR A 335 27.22 23.50 -13.04
C THR A 335 25.87 23.69 -13.72
N ARG A 336 25.86 24.40 -14.85
CA ARG A 336 24.63 24.60 -15.59
C ARG A 336 24.05 23.27 -16.05
N ALA A 337 24.89 22.40 -16.62
CA ALA A 337 24.41 21.10 -17.08
C ALA A 337 23.90 20.25 -15.91
N LYS A 338 24.67 20.24 -14.81
CA LYS A 338 24.26 19.47 -13.64
C LYS A 338 22.90 19.91 -13.13
N TYR A 339 22.71 21.22 -12.98
CA TYR A 339 21.45 21.72 -12.45
C TYR A 339 20.32 21.58 -13.47
N PHE A 340 20.64 21.62 -14.76
CA PHE A 340 19.62 21.36 -15.78
C PHE A 340 19.10 19.93 -15.64
N ILE A 341 20.01 18.97 -15.49
CA ILE A 341 19.59 17.58 -15.31
C ILE A 341 18.78 17.43 -14.02
N ARG A 342 19.27 18.06 -12.94
CA ARG A 342 18.58 17.97 -11.65
C ARG A 342 17.16 18.51 -11.75
N ASP A 343 16.99 19.68 -12.38
CA ASP A 343 15.68 20.28 -12.50
C ASP A 343 14.78 19.50 -13.47
N GLU A 344 15.36 18.92 -14.52
CA GLU A 344 14.57 18.05 -15.40
C GLU A 344 14.02 16.85 -14.63
N PHE A 345 14.83 16.26 -13.74
CA PHE A 345 14.33 15.19 -12.90
C PHE A 345 13.28 15.71 -11.91
N LEU A 346 13.51 16.89 -11.33
CA LEU A 346 12.60 17.42 -10.32
C LEU A 346 11.23 17.74 -10.89
N ARG A 347 11.17 18.30 -12.10
CA ARG A 347 9.89 18.75 -12.64
C ARG A 347 8.86 17.64 -12.71
N ILE A 348 9.30 16.38 -12.80
CA ILE A 348 8.36 15.26 -12.78
C ILE A 348 7.78 15.08 -11.38
N SER A 349 8.64 15.13 -10.37
CA SER A 349 8.19 14.89 -9.00
C SER A 349 7.35 16.05 -8.47
N THR A 350 7.81 17.28 -8.69
CA THR A 350 7.11 18.45 -8.15
C THR A 350 5.74 18.60 -8.79
N ALA A 351 5.57 18.09 -10.01
CA ALA A 351 4.30 18.25 -10.71
C ALA A 351 3.15 17.58 -9.99
N SER A 352 3.42 16.56 -9.17
CA SER A 352 2.34 15.87 -8.47
C SER A 352 1.61 16.80 -7.51
N GLY A 353 2.33 17.57 -6.70
CA GLY A 353 1.73 18.50 -5.78
C GLY A 353 1.02 17.89 -4.60
N ASP A 354 1.07 16.57 -4.44
CA ASP A 354 0.38 15.92 -3.33
C ASP A 354 1.11 16.13 -2.01
N GLY A 355 2.44 16.10 -2.02
CA GLY A 355 3.19 16.24 -0.78
C GLY A 355 3.26 14.98 0.06
N ARG A 356 2.72 13.86 -0.42
CA ARG A 356 2.76 12.62 0.35
C ARG A 356 4.15 12.00 0.32
N HIS A 357 4.90 12.20 -0.76
CA HIS A 357 6.27 11.72 -0.87
C HIS A 357 7.11 12.79 -1.54
N TYR A 358 8.41 12.76 -1.26
CA TYR A 358 9.32 13.79 -1.72
C TYR A 358 10.54 13.15 -2.38
N CYS A 359 11.17 13.91 -3.28
CA CYS A 359 12.38 13.49 -3.97
C CYS A 359 13.57 14.25 -3.41
N TYR A 360 14.72 13.58 -3.31
CA TYR A 360 15.93 14.14 -2.71
C TYR A 360 17.09 13.97 -3.68
N PRO A 361 17.23 14.86 -4.67
CA PRO A 361 18.36 14.76 -5.60
C PRO A 361 19.69 14.96 -4.89
N HIS A 362 20.72 14.30 -5.40
CA HIS A 362 22.07 14.37 -4.82
C HIS A 362 23.08 14.10 -5.91
N PHE A 363 23.97 15.07 -6.16
CA PHE A 363 25.08 14.85 -7.07
C PHE A 363 26.08 13.91 -6.42
N THR A 364 26.36 12.80 -7.09
CA THR A 364 27.11 11.70 -6.49
C THR A 364 28.17 11.19 -7.45
N CYS A 365 29.25 10.66 -6.89
CA CYS A 365 30.26 9.94 -7.63
C CYS A 365 30.35 8.52 -7.08
N SER A 366 30.68 7.57 -7.96
CA SER A 366 30.69 6.17 -7.56
C SER A 366 31.66 5.92 -6.41
N VAL A 367 32.74 6.71 -6.32
CA VAL A 367 33.74 6.48 -5.28
C VAL A 367 33.47 7.31 -4.03
N ASP A 368 32.52 8.23 -4.07
CA ASP A 368 32.25 9.09 -2.91
C ASP A 368 31.87 8.24 -1.70
N THR A 369 32.57 8.48 -0.59
CA THR A 369 32.23 7.78 0.65
C THR A 369 31.05 8.42 1.37
N GLU A 370 30.69 9.65 0.99
CA GLU A 370 29.59 10.34 1.67
C GLU A 370 28.23 9.73 1.36
N ASN A 371 28.17 8.81 0.40
CA ASN A 371 26.88 8.25 -0.01
C ASN A 371 26.13 7.67 1.17
N ILE A 372 26.83 6.97 2.06
CA ILE A 372 26.19 6.41 3.24
C ILE A 372 25.62 7.52 4.11
N ARG A 373 26.40 8.58 4.33
CA ARG A 373 25.91 9.72 5.09
C ARG A 373 24.75 10.39 4.38
N ARG A 374 24.81 10.47 3.04
CA ARG A 374 23.70 11.04 2.30
C ARG A 374 22.43 10.22 2.51
N VAL A 375 22.53 8.89 2.43
CA VAL A 375 21.36 8.05 2.62
C VAL A 375 20.81 8.21 4.03
N PHE A 376 21.70 8.27 5.02
CA PHE A 376 21.27 8.51 6.40
C PHE A 376 20.50 9.82 6.53
N ASN A 377 21.03 10.88 5.90
CA ASN A 377 20.38 12.18 5.97
C ASN A 377 19.01 12.15 5.29
N ASP A 378 18.91 11.50 4.12
CA ASP A 378 17.61 11.42 3.45
C ASP A 378 16.61 10.62 4.28
N CYS A 379 17.05 9.53 4.92
CA CYS A 379 16.15 8.78 5.77
C CYS A 379 15.66 9.63 6.94
N ARG A 380 16.57 10.37 7.57
CA ARG A 380 16.17 11.27 8.66
C ARG A 380 15.16 12.30 8.17
N ASP A 381 15.43 12.90 7.02
CA ASP A 381 14.53 13.92 6.49
C ASP A 381 13.16 13.33 6.17
N ILE A 382 13.13 12.13 5.59
CA ILE A 382 11.86 11.49 5.25
C ILE A 382 11.05 11.23 6.51
N ILE A 383 11.69 10.66 7.54
CA ILE A 383 10.97 10.37 8.78
C ILE A 383 10.47 11.66 9.42
N GLN A 384 11.32 12.68 9.46
CA GLN A 384 10.92 13.94 10.09
C GLN A 384 9.75 14.57 9.34
N ARG A 385 9.80 14.58 8.01
CA ARG A 385 8.72 15.15 7.22
C ARG A 385 7.43 14.37 7.40
N MET A 386 7.50 13.03 7.43
CA MET A 386 6.31 12.24 7.67
C MET A 386 5.69 12.57 9.02
N HIS A 387 6.52 12.63 10.06
CA HIS A 387 5.99 12.94 11.39
C HIS A 387 5.39 14.35 11.43
N LEU A 388 6.06 15.31 10.81
CA LEU A 388 5.56 16.68 10.80
C LEU A 388 4.22 16.76 10.07
N ARG A 389 4.10 16.09 8.93
CA ARG A 389 2.83 16.09 8.21
C ARG A 389 1.74 15.39 9.01
N GLN A 390 2.11 14.37 9.77
CA GLN A 390 1.13 13.73 10.66
C GLN A 390 0.63 14.70 11.71
N TYR A 391 1.52 15.54 12.23
CA TYR A 391 1.16 16.54 13.24
C TYR A 391 0.61 17.82 12.64
N GLU A 392 0.34 17.85 11.34
CA GLU A 392 -0.23 19.02 10.66
C GLU A 392 0.70 20.22 10.69
N LEU A 393 1.98 20.00 11.02
CA LEU A 393 2.94 21.11 11.00
C LEU A 393 3.32 21.48 9.56
N LEU A 394 3.45 20.48 8.70
CA LEU A 394 3.76 20.72 7.29
C LEU A 394 2.53 20.46 6.43
N GLU B 8 10.28 -14.96 -45.54
CA GLU B 8 9.64 -16.14 -44.88
C GLU B 8 8.84 -15.70 -43.65
N LEU B 9 9.36 -14.70 -42.94
CA LEU B 9 8.67 -14.21 -41.75
C LEU B 9 7.30 -13.63 -42.09
N ASP B 10 7.21 -12.87 -43.18
CA ASP B 10 5.93 -12.31 -43.58
C ASP B 10 4.92 -13.42 -43.91
N GLN B 11 5.36 -14.44 -44.63
CA GLN B 11 4.48 -15.56 -44.95
C GLN B 11 4.06 -16.31 -43.70
N LEU B 12 4.99 -16.49 -42.76
CA LEU B 12 4.65 -17.15 -41.50
C LEU B 12 3.61 -16.35 -40.72
N ARG B 13 3.78 -15.03 -40.66
CA ARG B 13 2.80 -14.19 -39.97
C ARG B 13 1.45 -14.24 -40.66
N GLN B 14 1.44 -14.22 -41.99
CA GLN B 14 0.19 -14.31 -42.73
C GLN B 14 -0.52 -15.64 -42.46
N GLU B 15 0.24 -16.73 -42.44
CA GLU B 15 -0.36 -18.04 -42.15
C GLU B 15 -0.91 -18.06 -40.72
N ALA B 16 -0.16 -17.50 -39.77
CA ALA B 16 -0.65 -17.46 -38.39
C ALA B 16 -1.93 -16.64 -38.28
N GLU B 17 -1.99 -15.49 -38.96
CA GLU B 17 -3.19 -14.66 -38.93
C GLU B 17 -4.37 -15.39 -39.57
N GLN B 18 -4.14 -16.07 -40.69
CA GLN B 18 -5.23 -16.80 -41.33
C GLN B 18 -5.74 -17.92 -40.45
N LEU B 19 -4.84 -18.64 -39.79
CA LEU B 19 -5.28 -19.75 -38.95
C LEU B 19 -5.95 -19.23 -37.67
N LYS B 20 -5.52 -18.08 -37.17
CA LYS B 20 -6.23 -17.46 -36.05
C LYS B 20 -7.63 -17.04 -36.48
N ASN B 21 -7.77 -16.53 -37.70
CA ASN B 21 -9.10 -16.20 -38.22
C ASN B 21 -9.96 -17.44 -38.33
N GLN B 22 -9.37 -18.55 -38.77
CA GLN B 22 -10.11 -19.81 -38.81
C GLN B 22 -10.55 -20.23 -37.41
N ILE B 23 -9.67 -20.05 -36.43
CA ILE B 23 -10.02 -20.37 -35.05
C ILE B 23 -11.20 -19.51 -34.59
N ARG B 24 -11.15 -18.21 -34.90
CA ARG B 24 -12.23 -17.31 -34.52
C ARG B 24 -13.54 -17.73 -35.18
N ASP B 25 -13.49 -18.08 -36.46
CA ASP B 25 -14.71 -18.49 -37.15
C ASP B 25 -15.27 -19.76 -36.55
N ALA B 26 -14.42 -20.72 -36.22
CA ALA B 26 -14.89 -21.95 -35.59
C ALA B 26 -15.52 -21.67 -34.23
N ARG B 27 -14.89 -20.80 -33.44
CA ARG B 27 -15.43 -20.46 -32.13
C ARG B 27 -16.76 -19.73 -32.27
N LYS B 28 -16.86 -18.82 -33.23
CA LYS B 28 -18.11 -18.08 -33.44
C LYS B 28 -19.25 -19.01 -33.84
N ALA B 29 -18.96 -20.02 -34.67
CA ALA B 29 -20.00 -20.95 -35.09
C ALA B 29 -20.63 -21.68 -33.91
N CYS B 30 -19.85 -21.91 -32.84
CA CYS B 30 -20.38 -22.58 -31.66
C CYS B 30 -21.17 -21.64 -30.76
N ALA B 31 -21.13 -20.33 -31.01
CA ALA B 31 -21.86 -19.36 -30.19
C ALA B 31 -23.31 -19.28 -30.66
N ASP B 32 -24.01 -20.40 -30.50
CA ASP B 32 -25.42 -20.45 -30.87
C ASP B 32 -26.26 -19.53 -29.98
N ALA B 33 -25.97 -19.50 -28.68
CA ALA B 33 -26.69 -18.66 -27.75
C ALA B 33 -25.77 -18.28 -26.61
N THR B 34 -26.10 -17.18 -25.93
CA THR B 34 -25.31 -16.67 -24.83
C THR B 34 -25.81 -17.23 -23.50
N LEU B 35 -24.88 -17.44 -22.57
CA LEU B 35 -25.24 -17.95 -21.26
C LEU B 35 -26.20 -17.01 -20.53
N SER B 36 -26.08 -15.71 -20.78
CA SER B 36 -26.94 -14.75 -20.10
C SER B 36 -28.40 -14.97 -20.47
N GLN B 37 -28.67 -15.20 -21.76
CA GLN B 37 -30.05 -15.42 -22.20
C GLN B 37 -30.62 -16.69 -21.59
N ILE B 38 -29.81 -17.76 -21.53
CA ILE B 38 -30.30 -19.04 -21.03
C ILE B 38 -30.63 -18.94 -19.55
N THR B 39 -29.83 -18.19 -18.78
CA THR B 39 -29.99 -18.10 -17.34
C THR B 39 -31.01 -17.05 -16.93
N ASN B 40 -31.75 -16.47 -17.87
CA ASN B 40 -32.75 -15.45 -17.51
C ASN B 40 -33.87 -16.05 -16.66
N ASN B 41 -34.11 -17.35 -16.76
CA ASN B 41 -35.24 -17.97 -16.08
C ASN B 41 -34.93 -18.37 -14.64
N ILE B 42 -33.66 -18.65 -14.32
CA ILE B 42 -33.34 -19.18 -13.00
C ILE B 42 -33.60 -18.11 -11.93
N ASP B 43 -34.01 -18.57 -10.75
CA ASP B 43 -34.24 -17.66 -9.64
C ASP B 43 -32.93 -16.99 -9.23
N PRO B 44 -32.86 -15.66 -9.18
CA PRO B 44 -31.63 -15.01 -8.72
C PRO B 44 -31.37 -15.26 -7.25
N VAL B 45 -30.08 -15.21 -6.89
CA VAL B 45 -29.67 -15.42 -5.51
C VAL B 45 -30.20 -14.33 -4.59
N GLY B 46 -30.57 -13.18 -5.15
CA GLY B 46 -31.03 -12.06 -4.34
C GLY B 46 -29.90 -11.30 -3.70
N ARG B 47 -29.88 -11.25 -2.38
CA ARG B 47 -28.83 -10.56 -1.63
C ARG B 47 -28.39 -11.42 -0.46
N ILE B 48 -27.09 -11.61 -0.32
CA ILE B 48 -26.49 -12.33 0.79
C ILE B 48 -25.47 -11.42 1.45
N GLN B 49 -25.58 -11.29 2.78
CA GLN B 49 -24.75 -10.38 3.56
C GLN B 49 -23.89 -11.21 4.52
N MET B 50 -22.63 -11.42 4.16
CA MET B 50 -21.71 -12.15 5.02
C MET B 50 -21.12 -11.23 6.07
N ARG B 51 -20.73 -11.82 7.20
CA ARG B 51 -20.17 -11.08 8.32
C ARG B 51 -18.83 -11.68 8.73
N THR B 52 -17.95 -10.83 9.25
CA THR B 52 -16.63 -11.28 9.70
C THR B 52 -16.77 -12.09 10.97
N ARG B 53 -16.52 -13.40 10.88
CA ARG B 53 -16.61 -14.27 12.05
C ARG B 53 -15.31 -14.36 12.83
N ARG B 54 -14.17 -14.27 12.16
CA ARG B 54 -12.88 -14.35 12.83
C ARG B 54 -11.94 -13.30 12.23
N THR B 55 -11.07 -12.76 13.07
CA THR B 55 -10.03 -11.83 12.66
C THR B 55 -8.69 -12.33 13.16
N LEU B 56 -7.71 -12.43 12.26
CA LEU B 56 -6.39 -12.96 12.56
C LEU B 56 -5.40 -11.81 12.59
N ARG B 57 -4.62 -11.72 13.67
CA ARG B 57 -3.63 -10.66 13.85
C ARG B 57 -2.31 -11.28 14.27
N GLY B 58 -1.21 -10.61 13.92
CA GLY B 58 0.12 -11.08 14.24
C GLY B 58 1.13 -10.82 13.15
N HIS B 59 0.66 -10.73 11.91
CA HIS B 59 1.55 -10.39 10.80
C HIS B 59 1.96 -8.93 10.88
N LEU B 60 3.21 -8.65 10.52
CA LEU B 60 3.76 -7.31 10.62
C LEU B 60 3.60 -6.51 9.33
N ALA B 61 3.99 -7.09 8.20
CA ALA B 61 3.92 -6.40 6.92
C ALA B 61 2.69 -6.84 6.14
N LYS B 62 2.55 -6.34 4.91
CA LYS B 62 1.39 -6.67 4.09
C LYS B 62 1.37 -8.15 3.75
N ILE B 63 0.20 -8.76 3.86
CA ILE B 63 0.02 -10.17 3.53
C ILE B 63 -0.37 -10.27 2.06
N TYR B 64 0.27 -11.18 1.32
CA TYR B 64 0.07 -11.26 -0.11
C TYR B 64 -0.68 -12.51 -0.54
N ALA B 65 -0.47 -13.65 0.12
CA ALA B 65 -1.08 -14.90 -0.32
C ALA B 65 -1.45 -15.75 0.89
N MET B 66 -2.43 -16.63 0.69
CA MET B 66 -2.85 -17.59 1.70
C MET B 66 -3.50 -18.78 1.00
N HIS B 67 -3.62 -19.88 1.73
CA HIS B 67 -4.22 -21.10 1.18
C HIS B 67 -4.96 -21.84 2.28
N TRP B 68 -6.17 -22.29 1.97
CA TRP B 68 -6.95 -23.09 2.90
C TRP B 68 -6.48 -24.53 2.91
N GLY B 69 -6.63 -25.18 4.07
CA GLY B 69 -6.31 -26.60 4.16
C GLY B 69 -7.41 -27.47 3.62
N THR B 70 -7.04 -28.71 3.28
CA THR B 70 -8.02 -29.67 2.80
C THR B 70 -9.05 -30.04 3.85
N ASP B 71 -8.68 -29.96 5.13
CA ASP B 71 -9.62 -30.24 6.22
C ASP B 71 -10.44 -29.03 6.61
N SER B 72 -10.21 -27.87 5.99
CA SER B 72 -10.91 -26.64 6.27
C SER B 72 -10.74 -26.17 7.71
N ARG B 73 -9.67 -26.58 8.38
CA ARG B 73 -9.37 -26.18 9.74
C ARG B 73 -8.11 -25.35 9.83
N LEU B 74 -7.02 -25.79 9.22
CA LEU B 74 -5.76 -25.06 9.23
C LEU B 74 -5.56 -24.34 7.91
N LEU B 75 -4.97 -23.14 8.00
CA LEU B 75 -4.67 -22.35 6.82
C LEU B 75 -3.31 -21.69 7.00
N VAL B 76 -2.65 -21.41 5.89
CA VAL B 76 -1.33 -20.79 5.89
C VAL B 76 -1.40 -19.49 5.11
N SER B 77 -0.76 -18.46 5.67
CA SER B 77 -0.72 -17.14 5.06
C SER B 77 0.72 -16.64 5.06
N ALA B 78 1.11 -15.99 3.97
CA ALA B 78 2.47 -15.51 3.77
C ALA B 78 2.47 -13.99 3.81
N SER B 79 3.35 -13.42 4.64
CA SER B 79 3.53 -11.99 4.76
C SER B 79 4.96 -11.64 4.33
N GLN B 80 5.11 -10.50 3.66
CA GLN B 80 6.41 -10.11 3.14
C GLN B 80 7.37 -9.60 4.21
N ASP B 81 7.06 -9.76 5.49
CA ASP B 81 8.00 -9.44 6.55
C ASP B 81 8.96 -10.59 6.84
N GLY B 82 8.83 -11.72 6.14
CA GLY B 82 9.68 -12.87 6.37
C GLY B 82 9.09 -13.93 7.26
N LYS B 83 7.79 -13.88 7.53
CA LYS B 83 7.13 -14.83 8.42
C LYS B 83 6.02 -15.57 7.68
N LEU B 84 5.98 -16.89 7.83
CA LEU B 84 4.92 -17.73 7.32
C LEU B 84 4.23 -18.38 8.51
N ILE B 85 2.95 -18.09 8.68
CA ILE B 85 2.20 -18.47 9.88
C ILE B 85 1.07 -19.41 9.48
N ILE B 86 0.88 -20.47 10.26
CA ILE B 86 -0.23 -21.39 10.09
C ILE B 86 -1.25 -21.11 11.19
N TRP B 87 -2.50 -20.92 10.80
CA TRP B 87 -3.55 -20.47 11.70
C TRP B 87 -4.57 -21.57 11.94
N ASP B 88 -5.06 -21.66 13.17
CA ASP B 88 -6.19 -22.52 13.50
C ASP B 88 -7.47 -21.73 13.27
N SER B 89 -8.18 -22.06 12.20
CA SER B 89 -9.32 -21.23 11.79
C SER B 89 -10.40 -21.18 12.85
N TYR B 90 -10.72 -22.33 13.45
CA TYR B 90 -11.85 -22.38 14.38
C TYR B 90 -11.57 -21.57 15.64
N THR B 91 -10.38 -21.73 16.23
CA THR B 91 -10.06 -21.11 17.51
C THR B 91 -9.15 -19.90 17.39
N THR B 92 -8.74 -19.52 16.18
CA THR B 92 -7.91 -18.34 15.94
C THR B 92 -6.49 -18.50 16.47
N ASN B 93 -6.13 -19.69 16.95
CA ASN B 93 -4.79 -19.91 17.48
C ASN B 93 -3.79 -20.09 16.34
N LYS B 94 -2.51 -19.87 16.66
CA LYS B 94 -1.42 -20.03 15.71
C LYS B 94 -0.67 -21.32 16.04
N VAL B 95 -0.46 -22.16 15.02
CA VAL B 95 0.16 -23.46 15.26
C VAL B 95 1.67 -23.37 15.01
N HIS B 96 2.08 -22.73 13.92
CA HIS B 96 3.50 -22.55 13.62
C HIS B 96 3.72 -21.14 13.09
N ALA B 97 4.96 -20.68 13.22
CA ALA B 97 5.40 -19.38 12.68
C ALA B 97 6.77 -19.61 12.04
N ILE B 98 6.76 -19.95 10.76
CA ILE B 98 8.00 -20.32 10.06
C ILE B 98 8.73 -19.04 9.65
N PRO B 99 10.00 -18.86 10.05
CA PRO B 99 10.77 -17.72 9.56
C PRO B 99 11.36 -18.01 8.19
N LEU B 100 11.12 -17.12 7.24
CA LEU B 100 11.58 -17.30 5.87
C LEU B 100 12.93 -16.64 5.66
N ARG B 101 13.77 -17.31 4.86
CA ARG B 101 15.08 -16.74 4.54
C ARG B 101 14.95 -15.44 3.75
N SER B 102 14.01 -15.40 2.80
CA SER B 102 13.77 -14.22 1.98
C SER B 102 12.48 -13.54 2.45
N SER B 103 12.58 -12.24 2.75
CA SER B 103 11.42 -11.51 3.25
C SER B 103 10.35 -11.34 2.18
N TRP B 104 10.75 -11.17 0.92
CA TRP B 104 9.82 -10.88 -0.17
C TRP B 104 9.12 -12.12 -0.68
N VAL B 105 8.41 -12.84 0.19
CA VAL B 105 7.66 -14.01 -0.25
C VAL B 105 6.42 -13.55 -1.01
N MET B 106 6.19 -14.16 -2.18
CA MET B 106 5.05 -13.80 -3.03
C MET B 106 4.07 -14.94 -3.23
N THR B 107 4.27 -16.11 -2.62
CA THR B 107 3.35 -17.21 -2.79
C THR B 107 3.49 -18.17 -1.62
N CYS B 108 2.42 -18.93 -1.37
CA CYS B 108 2.43 -20.00 -0.38
C CYS B 108 1.46 -21.07 -0.83
N ALA B 109 1.71 -22.29 -0.36
CA ALA B 109 0.89 -23.43 -0.72
C ALA B 109 0.82 -24.40 0.45
N TYR B 110 -0.27 -25.16 0.50
CA TYR B 110 -0.49 -26.15 1.54
C TYR B 110 -0.72 -27.50 0.88
N ALA B 111 0.04 -28.50 1.31
CA ALA B 111 -0.06 -29.82 0.69
C ALA B 111 -1.43 -30.44 0.98
N PRO B 112 -1.97 -31.23 0.05
CA PRO B 112 -3.25 -31.89 0.32
C PRO B 112 -3.25 -32.74 1.57
N SER B 113 -2.15 -33.44 1.85
CA SER B 113 -2.03 -34.19 3.10
C SER B 113 -1.62 -33.31 4.27
N GLY B 114 -1.16 -32.09 4.01
CA GLY B 114 -0.77 -31.17 5.06
C GLY B 114 0.60 -31.42 5.65
N ASN B 115 1.37 -32.36 5.11
CA ASN B 115 2.68 -32.66 5.67
C ASN B 115 3.74 -31.65 5.25
N TYR B 116 3.47 -30.85 4.21
CA TYR B 116 4.45 -29.91 3.70
C TYR B 116 3.78 -28.59 3.37
N VAL B 117 4.56 -27.52 3.45
CA VAL B 117 4.15 -26.18 3.05
C VAL B 117 5.24 -25.59 2.18
N ALA B 118 4.83 -24.95 1.07
CA ALA B 118 5.76 -24.37 0.11
C ALA B 118 5.52 -22.86 0.01
N CYS B 119 6.58 -22.14 -0.31
CA CYS B 119 6.50 -20.69 -0.49
C CYS B 119 7.64 -20.23 -1.38
N GLY B 120 7.50 -19.03 -1.92
CA GLY B 120 8.53 -18.46 -2.78
C GLY B 120 8.21 -17.02 -3.10
N GLY B 121 9.18 -16.36 -3.73
CA GLY B 121 9.02 -14.96 -4.07
C GLY B 121 10.10 -14.41 -4.97
N LEU B 122 10.56 -13.19 -4.70
CA LEU B 122 11.54 -12.53 -5.53
C LEU B 122 12.89 -13.24 -5.52
N ASP B 123 13.14 -14.15 -4.57
CA ASP B 123 14.39 -14.89 -4.53
C ASP B 123 14.52 -15.88 -5.68
N ASN B 124 13.44 -16.13 -6.43
CA ASN B 124 13.42 -17.10 -7.52
C ASN B 124 13.61 -18.53 -7.03
N ILE B 125 13.37 -18.77 -5.74
CA ILE B 125 13.54 -20.09 -5.14
C ILE B 125 12.26 -20.46 -4.41
N CYS B 126 11.87 -21.73 -4.57
CA CYS B 126 10.71 -22.28 -3.88
C CYS B 126 11.21 -23.22 -2.80
N SER B 127 10.83 -22.94 -1.55
CA SER B 127 11.28 -23.69 -0.39
C SER B 127 10.13 -24.55 0.14
N ILE B 128 10.42 -25.81 0.43
CA ILE B 128 9.44 -26.76 0.94
C ILE B 128 9.75 -26.97 2.42
N TYR B 129 8.73 -26.78 3.27
CA TYR B 129 8.88 -26.90 4.72
C TYR B 129 8.14 -28.14 5.20
N ASN B 130 8.81 -28.95 6.01
CA ASN B 130 8.22 -30.15 6.58
C ASN B 130 7.66 -29.82 7.96
N LEU B 131 6.36 -30.03 8.14
CA LEU B 131 5.69 -29.67 9.39
C LEU B 131 5.68 -30.78 10.41
N LYS B 132 5.96 -32.02 10.02
CA LYS B 132 5.85 -33.18 10.91
C LYS B 132 7.20 -33.90 11.04
N THR B 133 8.29 -33.13 11.14
CA THR B 133 9.58 -33.72 11.43
C THR B 133 9.58 -34.29 12.85
N ARG B 134 10.25 -35.43 13.02
CA ARG B 134 10.29 -36.08 14.32
C ARG B 134 10.93 -35.18 15.38
N GLU B 135 11.83 -34.28 15.00
CA GLU B 135 12.42 -33.36 15.96
C GLU B 135 11.39 -32.39 16.52
N GLY B 136 10.29 -32.14 15.80
CA GLY B 136 9.27 -31.21 16.22
C GLY B 136 9.41 -29.80 15.69
N ASN B 137 10.58 -29.43 15.18
CA ASN B 137 10.78 -28.09 14.63
C ASN B 137 10.67 -28.13 13.11
N VAL B 138 10.23 -26.99 12.55
CA VAL B 138 10.07 -26.89 11.10
C VAL B 138 11.44 -26.75 10.46
N ARG B 139 11.69 -27.54 9.41
CA ARG B 139 12.96 -27.53 8.71
C ARG B 139 12.71 -27.45 7.21
N VAL B 140 13.70 -26.94 6.48
CA VAL B 140 13.61 -26.84 5.03
C VAL B 140 13.87 -28.24 4.45
N SER B 141 12.87 -28.78 3.75
CA SER B 141 13.01 -30.12 3.20
C SER B 141 13.68 -30.10 1.82
N ARG B 142 13.31 -29.13 0.98
CA ARG B 142 13.86 -29.05 -0.36
C ARG B 142 13.79 -27.62 -0.84
N GLU B 143 14.78 -27.22 -1.64
CA GLU B 143 14.83 -25.90 -2.25
C GLU B 143 14.89 -26.06 -3.77
N LEU B 144 13.99 -25.38 -4.47
CA LEU B 144 13.91 -25.45 -5.92
C LEU B 144 14.42 -24.13 -6.49
N ALA B 145 15.49 -24.20 -7.28
CA ALA B 145 16.18 -23.01 -7.77
C ALA B 145 16.49 -23.14 -9.26
N GLY B 146 15.50 -23.58 -10.05
CA GLY B 146 15.68 -23.70 -11.48
C GLY B 146 15.07 -22.56 -12.26
N HIS B 147 14.27 -21.73 -11.59
CA HIS B 147 13.61 -20.62 -12.26
C HIS B 147 14.55 -19.42 -12.38
N THR B 148 14.27 -18.58 -13.36
CA THR B 148 15.04 -17.35 -13.61
C THR B 148 14.20 -16.11 -13.34
N GLY B 149 13.22 -16.23 -12.45
CA GLY B 149 12.36 -15.10 -12.13
C GLY B 149 11.63 -15.36 -10.83
N TYR B 150 10.99 -14.29 -10.34
CA TYR B 150 10.27 -14.38 -9.07
C TYR B 150 9.15 -15.41 -9.17
N LEU B 151 8.97 -16.16 -8.09
CA LEU B 151 7.92 -17.17 -8.01
C LEU B 151 6.59 -16.48 -7.70
N SER B 152 5.64 -16.58 -8.62
CA SER B 152 4.35 -15.93 -8.48
C SER B 152 3.31 -16.82 -7.83
N CYS B 153 3.30 -18.11 -8.15
CA CYS B 153 2.30 -19.02 -7.62
C CYS B 153 2.87 -20.43 -7.60
N CYS B 154 2.31 -21.26 -6.72
CA CYS B 154 2.70 -22.66 -6.62
C CYS B 154 1.56 -23.44 -5.97
N ARG B 155 1.37 -24.67 -6.43
CA ARG B 155 0.32 -25.53 -5.91
C ARG B 155 0.81 -26.97 -5.92
N PHE B 156 0.39 -27.72 -4.90
CA PHE B 156 0.81 -29.12 -4.76
C PHE B 156 -0.12 -30.04 -5.53
N LEU B 157 0.48 -30.95 -6.31
CA LEU B 157 -0.25 -32.06 -6.88
C LEU B 157 -0.28 -33.24 -5.91
N ASP B 158 0.78 -33.43 -5.14
CA ASP B 158 0.85 -34.48 -4.13
C ASP B 158 2.03 -34.16 -3.22
N ASP B 159 2.35 -35.10 -2.33
CA ASP B 159 3.45 -34.91 -1.39
C ASP B 159 4.80 -34.85 -2.08
N ASN B 160 4.89 -35.24 -3.36
CA ASN B 160 6.15 -35.28 -4.07
C ASN B 160 6.16 -34.44 -5.35
N GLN B 161 5.01 -33.90 -5.77
CA GLN B 161 4.91 -33.14 -7.01
C GLN B 161 4.30 -31.77 -6.70
N ILE B 162 4.96 -30.72 -7.17
CA ILE B 162 4.48 -29.35 -7.00
C ILE B 162 4.69 -28.61 -8.32
N VAL B 163 3.65 -27.93 -8.79
CA VAL B 163 3.73 -27.10 -9.97
C VAL B 163 3.95 -25.65 -9.51
N THR B 164 4.84 -24.94 -10.19
CA THR B 164 5.24 -23.61 -9.77
C THR B 164 5.06 -22.63 -10.91
N SER B 165 4.79 -21.37 -10.55
CA SER B 165 4.67 -20.27 -11.49
C SER B 165 5.77 -19.26 -11.21
N SER B 166 6.39 -18.75 -12.27
CA SER B 166 7.54 -17.87 -12.15
C SER B 166 7.40 -16.70 -13.12
N GLY B 167 8.13 -15.63 -12.83
CA GLY B 167 8.12 -14.45 -13.69
C GLY B 167 8.88 -14.63 -14.98
N ASP B 168 9.61 -15.74 -15.13
CA ASP B 168 10.33 -16.01 -16.36
C ASP B 168 9.43 -16.44 -17.51
N THR B 169 8.11 -16.35 -17.37
CA THR B 169 7.10 -16.64 -18.38
C THR B 169 6.93 -18.14 -18.61
N THR B 170 7.51 -19.00 -17.78
CA THR B 170 7.40 -20.44 -17.92
C THR B 170 6.98 -21.07 -16.61
N CYS B 171 6.07 -22.05 -16.71
CA CYS B 171 5.68 -22.87 -15.59
C CYS B 171 6.41 -24.21 -15.63
N ALA B 172 6.58 -24.82 -14.46
CA ALA B 172 7.35 -26.05 -14.36
C ALA B 172 6.71 -26.98 -13.34
N LEU B 173 6.93 -28.27 -13.55
CA LEU B 173 6.50 -29.31 -12.62
C LEU B 173 7.75 -29.87 -11.94
N TRP B 174 7.77 -29.84 -10.61
CA TRP B 174 8.95 -30.20 -9.84
C TRP B 174 8.74 -31.52 -9.10
N ASP B 175 9.73 -32.40 -9.18
CA ASP B 175 9.78 -33.61 -8.37
C ASP B 175 10.52 -33.29 -7.09
N ILE B 176 9.79 -33.26 -5.97
CA ILE B 176 10.35 -32.75 -4.72
C ILE B 176 11.53 -33.60 -4.27
N GLU B 177 11.38 -34.93 -4.28
CA GLU B 177 12.46 -35.79 -3.81
C GLU B 177 13.71 -35.63 -4.66
N THR B 178 13.54 -35.57 -5.99
CA THR B 178 14.69 -35.35 -6.87
C THR B 178 15.14 -33.90 -6.86
N GLY B 179 14.21 -32.97 -6.71
CA GLY B 179 14.54 -31.55 -6.76
C GLY B 179 14.84 -31.03 -8.14
N GLN B 180 14.40 -31.73 -9.18
CA GLN B 180 14.64 -31.33 -10.56
C GLN B 180 13.31 -31.16 -11.28
N GLN B 181 13.33 -30.35 -12.33
CA GLN B 181 12.12 -30.07 -13.09
C GLN B 181 11.76 -31.27 -13.96
N THR B 182 10.61 -31.89 -13.67
CA THR B 182 10.15 -33.01 -14.48
C THR B 182 9.65 -32.55 -15.85
N THR B 183 9.03 -31.38 -15.91
CA THR B 183 8.51 -30.85 -17.17
C THR B 183 8.46 -29.33 -17.08
N THR B 184 8.80 -28.67 -18.18
CA THR B 184 8.78 -27.21 -18.26
C THR B 184 7.75 -26.79 -19.29
N PHE B 185 6.86 -25.88 -18.90
CA PHE B 185 5.80 -25.38 -19.77
C PHE B 185 6.20 -24.01 -20.30
N THR B 186 6.16 -23.87 -21.63
CA THR B 186 6.54 -22.63 -22.29
C THR B 186 5.49 -22.25 -23.32
N GLY B 187 5.40 -20.96 -23.60
CA GLY B 187 4.44 -20.45 -24.55
C GLY B 187 3.85 -19.12 -24.11
N HIS B 188 3.93 -18.84 -22.81
CA HIS B 188 3.43 -17.58 -22.29
C HIS B 188 4.39 -16.44 -22.65
N THR B 189 3.83 -15.26 -22.92
CA THR B 189 4.63 -14.11 -23.29
C THR B 189 5.01 -13.26 -22.08
N GLY B 190 4.04 -12.93 -21.21
CA GLY B 190 4.31 -12.10 -20.07
C GLY B 190 4.53 -12.91 -18.79
N ASP B 191 4.64 -12.18 -17.69
CA ASP B 191 4.86 -12.81 -16.39
C ASP B 191 3.65 -13.63 -15.97
N VAL B 192 3.90 -14.86 -15.54
CA VAL B 192 2.81 -15.73 -15.08
C VAL B 192 2.49 -15.37 -13.64
N MET B 193 1.22 -15.07 -13.37
CA MET B 193 0.80 -14.57 -12.08
C MET B 193 0.15 -15.64 -11.20
N SER B 194 -0.91 -16.27 -11.70
CA SER B 194 -1.71 -17.17 -10.88
C SER B 194 -1.74 -18.55 -11.51
N LEU B 195 -1.86 -19.55 -10.65
CA LEU B 195 -1.93 -20.95 -11.06
C LEU B 195 -3.07 -21.64 -10.33
N SER B 196 -3.83 -22.44 -11.08
CA SER B 196 -4.95 -23.18 -10.51
C SER B 196 -4.91 -24.61 -11.04
N LEU B 197 -4.99 -25.58 -10.15
CA LEU B 197 -5.03 -26.98 -10.55
C LEU B 197 -6.46 -27.44 -10.71
N ALA B 198 -6.71 -28.27 -11.72
CA ALA B 198 -8.04 -28.78 -11.95
C ALA B 198 -8.40 -29.80 -10.86
N PRO B 199 -9.70 -30.03 -10.63
CA PRO B 199 -10.09 -31.01 -9.61
C PRO B 199 -9.51 -32.39 -9.85
N ASP B 200 -9.38 -32.80 -11.11
CA ASP B 200 -8.82 -34.10 -11.43
C ASP B 200 -7.29 -34.13 -11.35
N THR B 201 -6.65 -32.98 -11.18
CA THR B 201 -5.20 -32.85 -11.10
C THR B 201 -4.50 -33.18 -12.42
N ARG B 202 -5.26 -33.29 -13.51
CA ARG B 202 -4.69 -33.59 -14.82
C ARG B 202 -4.47 -32.35 -15.67
N LEU B 203 -5.14 -31.25 -15.36
CA LEU B 203 -5.04 -30.01 -16.14
C LEU B 203 -4.91 -28.82 -15.19
N PHE B 204 -4.31 -27.75 -15.70
CA PHE B 204 -4.18 -26.50 -14.96
C PHE B 204 -4.14 -25.35 -15.95
N VAL B 205 -4.52 -24.17 -15.48
CA VAL B 205 -4.60 -22.97 -16.29
C VAL B 205 -3.85 -21.85 -15.58
N SER B 206 -3.40 -20.85 -16.34
CA SER B 206 -2.67 -19.72 -15.80
C SER B 206 -2.75 -18.54 -16.76
N GLY B 207 -2.79 -17.34 -16.20
CA GLY B 207 -2.72 -16.11 -16.96
C GLY B 207 -1.34 -15.49 -16.81
N ALA B 208 -0.82 -14.93 -17.90
CA ALA B 208 0.57 -14.50 -17.91
C ALA B 208 0.76 -13.09 -18.47
N CYS B 209 -0.04 -12.14 -18.00
CA CYS B 209 0.16 -10.72 -18.32
C CYS B 209 0.12 -10.46 -19.82
N ASP B 210 -0.49 -11.37 -20.60
CA ASP B 210 -0.63 -11.16 -22.04
C ASP B 210 -2.10 -11.23 -22.45
N ALA B 211 -3.02 -11.02 -21.51
CA ALA B 211 -4.46 -11.06 -21.78
C ALA B 211 -4.92 -12.40 -22.32
N SER B 212 -4.18 -13.47 -22.02
CA SER B 212 -4.50 -14.80 -22.50
C SER B 212 -4.34 -15.81 -21.38
N ALA B 213 -5.15 -16.88 -21.45
CA ALA B 213 -5.06 -18.01 -20.54
C ALA B 213 -4.81 -19.28 -21.34
N LYS B 214 -3.85 -20.09 -20.86
CA LYS B 214 -3.44 -21.31 -21.55
C LYS B 214 -3.79 -22.52 -20.70
N LEU B 215 -4.35 -23.53 -21.35
CA LEU B 215 -4.66 -24.81 -20.71
C LEU B 215 -3.53 -25.79 -21.00
N TRP B 216 -3.01 -26.41 -19.95
CA TRP B 216 -1.84 -27.28 -20.04
C TRP B 216 -2.20 -28.69 -19.55
N ASP B 217 -1.53 -29.68 -20.12
CA ASP B 217 -1.64 -31.07 -19.71
C ASP B 217 -0.43 -31.41 -18.85
N VAL B 218 -0.67 -31.84 -17.61
CA VAL B 218 0.43 -32.06 -16.68
C VAL B 218 1.33 -33.20 -17.13
N ARG B 219 0.78 -34.24 -17.76
CA ARG B 219 1.56 -35.38 -18.22
C ARG B 219 2.10 -35.21 -19.63
N GLU B 220 1.29 -34.72 -20.56
CA GLU B 220 1.75 -34.56 -21.93
C GLU B 220 2.69 -33.37 -22.10
N GLY B 221 2.62 -32.40 -21.19
CA GLY B 221 3.53 -31.26 -21.25
C GLY B 221 3.36 -30.36 -22.45
N MET B 222 2.12 -30.08 -22.84
CA MET B 222 1.84 -29.20 -23.97
C MET B 222 0.59 -28.40 -23.68
N CYS B 223 0.47 -27.25 -24.36
CA CYS B 223 -0.71 -26.41 -24.22
C CYS B 223 -1.83 -26.95 -25.10
N ARG B 224 -3.00 -27.15 -24.51
CA ARG B 224 -4.14 -27.73 -25.23
C ARG B 224 -5.05 -26.66 -25.82
N GLN B 225 -5.38 -25.63 -25.04
CA GLN B 225 -6.27 -24.57 -25.50
C GLN B 225 -5.77 -23.23 -25.00
N THR B 226 -6.10 -22.17 -25.74
CA THR B 226 -5.72 -20.81 -25.40
C THR B 226 -6.95 -19.92 -25.45
N PHE B 227 -7.15 -19.13 -24.40
CA PHE B 227 -8.25 -18.18 -24.31
C PHE B 227 -7.69 -16.76 -24.29
N THR B 228 -8.31 -15.88 -25.09
CA THR B 228 -7.82 -14.52 -25.22
C THR B 228 -8.94 -13.49 -25.14
N GLY B 229 -9.84 -13.63 -24.17
CA GLY B 229 -10.95 -12.70 -24.04
C GLY B 229 -10.64 -11.45 -23.26
N HIS B 230 -9.58 -11.49 -22.46
CA HIS B 230 -9.24 -10.36 -21.60
C HIS B 230 -8.56 -9.24 -22.40
N GLU B 231 -8.52 -8.06 -21.79
CA GLU B 231 -7.94 -6.88 -22.41
C GLU B 231 -6.63 -6.46 -21.78
N SER B 232 -6.32 -6.93 -20.57
CA SER B 232 -5.12 -6.51 -19.86
C SER B 232 -4.55 -7.72 -19.12
N ASP B 233 -3.61 -7.45 -18.22
CA ASP B 233 -2.94 -8.52 -17.49
C ASP B 233 -3.93 -9.30 -16.65
N ILE B 234 -3.74 -10.62 -16.61
CA ILE B 234 -4.59 -11.51 -15.81
C ILE B 234 -3.88 -11.79 -14.49
N ASN B 235 -4.56 -11.49 -13.38
CA ASN B 235 -3.98 -11.64 -12.05
C ASN B 235 -4.53 -12.84 -11.29
N ALA B 236 -5.74 -13.29 -11.60
CA ALA B 236 -6.39 -14.36 -10.84
C ALA B 236 -6.96 -15.39 -11.81
N ILE B 237 -7.02 -16.64 -11.36
CA ILE B 237 -7.57 -17.73 -12.15
C ILE B 237 -7.99 -18.84 -11.21
N CYS B 238 -9.17 -19.42 -11.46
CA CYS B 238 -9.71 -20.48 -10.61
C CYS B 238 -10.67 -21.33 -11.43
N PHE B 239 -10.56 -22.65 -11.24
CA PHE B 239 -11.45 -23.57 -11.93
C PHE B 239 -12.86 -23.53 -11.35
N PHE B 240 -13.84 -23.76 -12.21
CA PHE B 240 -15.20 -24.04 -11.75
C PHE B 240 -15.21 -25.39 -11.04
N PRO B 241 -16.04 -25.57 -10.01
CA PRO B 241 -15.94 -26.79 -9.20
C PRO B 241 -16.04 -28.09 -10.00
N ASN B 242 -16.79 -28.10 -11.10
CA ASN B 242 -16.89 -29.31 -11.92
C ASN B 242 -15.66 -29.52 -12.81
N GLY B 243 -14.81 -28.51 -12.96
CA GLY B 243 -13.61 -28.64 -13.76
C GLY B 243 -13.78 -28.39 -15.24
N ASN B 244 -15.00 -28.09 -15.70
CA ASN B 244 -15.25 -27.82 -17.11
C ASN B 244 -15.18 -26.35 -17.46
N ALA B 245 -14.94 -25.47 -16.49
CA ALA B 245 -14.86 -24.05 -16.75
C ALA B 245 -13.98 -23.39 -15.69
N PHE B 246 -13.52 -22.18 -15.99
CA PHE B 246 -12.69 -21.43 -15.05
C PHE B 246 -12.93 -19.94 -15.25
N ALA B 247 -12.75 -19.18 -14.18
CA ALA B 247 -12.90 -17.74 -14.20
C ALA B 247 -11.54 -17.07 -14.01
N THR B 248 -11.37 -15.90 -14.61
CA THR B 248 -10.11 -15.17 -14.58
C THR B 248 -10.36 -13.72 -14.19
N GLY B 249 -9.41 -13.15 -13.45
CA GLY B 249 -9.46 -11.75 -13.07
C GLY B 249 -8.30 -10.99 -13.70
N SER B 250 -8.60 -9.80 -14.20
CA SER B 250 -7.62 -8.99 -14.91
C SER B 250 -7.69 -7.55 -14.45
N ASP B 251 -6.65 -6.78 -14.81
CA ASP B 251 -6.55 -5.38 -14.41
C ASP B 251 -7.62 -4.51 -15.05
N ASP B 252 -8.33 -4.99 -16.07
CA ASP B 252 -9.37 -4.20 -16.72
C ASP B 252 -10.64 -4.09 -15.89
N ALA B 253 -10.64 -4.57 -14.64
CA ALA B 253 -11.78 -4.47 -13.74
C ALA B 253 -12.96 -5.33 -14.19
N THR B 254 -12.70 -6.37 -14.98
CA THR B 254 -13.74 -7.28 -15.43
C THR B 254 -13.29 -8.72 -15.23
N CYS B 255 -14.21 -9.56 -14.77
CA CYS B 255 -13.99 -10.99 -14.64
C CYS B 255 -14.71 -11.72 -15.77
N ARG B 256 -14.05 -12.75 -16.29
CA ARG B 256 -14.56 -13.48 -17.45
C ARG B 256 -14.57 -14.97 -17.14
N LEU B 257 -15.62 -15.66 -17.56
CA LEU B 257 -15.79 -17.10 -17.36
C LEU B 257 -15.56 -17.81 -18.68
N PHE B 258 -14.64 -18.77 -18.68
CA PHE B 258 -14.32 -19.56 -19.86
C PHE B 258 -14.66 -21.02 -19.61
N ASP B 259 -15.15 -21.68 -20.66
CA ASP B 259 -15.48 -23.10 -20.61
C ASP B 259 -14.51 -23.88 -21.47
N LEU B 260 -13.91 -24.93 -20.91
CA LEU B 260 -12.89 -25.69 -21.63
C LEU B 260 -13.44 -26.42 -22.84
N ARG B 261 -14.74 -26.68 -22.90
CA ARG B 261 -15.35 -27.35 -24.04
C ARG B 261 -15.92 -26.39 -25.07
N ALA B 262 -16.46 -25.24 -24.65
CA ALA B 262 -16.87 -24.22 -25.59
C ALA B 262 -15.70 -23.45 -26.18
N ASP B 263 -14.57 -23.41 -25.48
CA ASP B 263 -13.33 -22.80 -25.98
C ASP B 263 -13.49 -21.29 -26.21
N GLN B 264 -14.47 -20.66 -25.57
CA GLN B 264 -14.70 -19.23 -25.73
C GLN B 264 -15.30 -18.69 -24.45
N GLU B 265 -15.25 -17.36 -24.31
CA GLU B 265 -15.83 -16.70 -23.15
C GLU B 265 -17.34 -16.91 -23.14
N LEU B 266 -17.89 -17.19 -21.96
CA LEU B 266 -19.33 -17.30 -21.82
C LEU B 266 -19.94 -15.96 -21.45
N MET B 267 -19.34 -15.25 -20.50
CA MET B 267 -19.87 -13.99 -20.02
C MET B 267 -18.76 -13.18 -19.37
N THR B 268 -19.02 -11.89 -19.20
CA THR B 268 -18.12 -10.96 -18.55
C THR B 268 -18.81 -10.34 -17.35
N TYR B 269 -18.12 -10.31 -16.21
CA TYR B 269 -18.62 -9.66 -15.00
C TYR B 269 -17.94 -8.31 -14.87
N SER B 270 -18.74 -7.24 -14.94
CA SER B 270 -18.20 -5.89 -14.79
C SER B 270 -19.33 -4.95 -14.41
N HIS B 271 -18.95 -3.77 -13.91
CA HIS B 271 -19.92 -2.75 -13.52
C HIS B 271 -19.32 -1.38 -13.82
N ASP B 272 -20.20 -0.38 -13.92
CA ASP B 272 -19.78 0.94 -14.37
C ASP B 272 -18.79 1.59 -13.39
N ASN B 273 -19.06 1.50 -12.09
CA ASN B 273 -18.34 2.27 -11.10
C ASN B 273 -17.10 1.57 -10.55
N ILE B 274 -16.77 0.38 -11.05
CA ILE B 274 -15.54 -0.32 -10.66
C ILE B 274 -14.52 -0.15 -11.77
N ILE B 275 -13.41 0.51 -11.44
CA ILE B 275 -12.38 0.83 -12.41
C ILE B 275 -11.02 0.36 -11.91
N CYS B 276 -11.01 -0.68 -11.09
CA CYS B 276 -9.78 -1.19 -10.49
C CYS B 276 -9.66 -2.68 -10.79
N GLY B 277 -8.42 -3.15 -10.82
CA GLY B 277 -8.17 -4.54 -11.19
C GLY B 277 -8.57 -5.52 -10.11
N ILE B 278 -8.75 -6.77 -10.53
CA ILE B 278 -9.12 -7.85 -9.62
C ILE B 278 -7.85 -8.57 -9.18
N THR B 279 -7.71 -8.77 -7.87
CA THR B 279 -6.52 -9.41 -7.31
C THR B 279 -6.67 -10.91 -7.12
N SER B 280 -7.87 -11.40 -6.83
CA SER B 280 -8.08 -12.83 -6.63
C SER B 280 -9.52 -13.17 -6.95
N VAL B 281 -9.75 -14.44 -7.29
CA VAL B 281 -11.08 -14.95 -7.61
C VAL B 281 -11.18 -16.38 -7.12
N SER B 282 -12.39 -16.77 -6.71
CA SER B 282 -12.63 -18.12 -6.24
C SER B 282 -14.11 -18.44 -6.36
N PHE B 283 -14.41 -19.73 -6.46
CA PHE B 283 -15.78 -20.21 -6.56
C PHE B 283 -16.22 -20.87 -5.27
N SER B 284 -17.53 -20.80 -5.01
CA SER B 284 -18.11 -21.55 -3.89
C SER B 284 -18.22 -23.02 -4.27
N LYS B 285 -18.67 -23.82 -3.30
CA LYS B 285 -18.79 -25.26 -3.54
C LYS B 285 -19.76 -25.55 -4.67
N SER B 286 -20.92 -24.87 -4.68
CA SER B 286 -21.89 -25.07 -5.74
C SER B 286 -21.51 -24.37 -7.04
N GLY B 287 -20.62 -23.37 -6.99
CA GLY B 287 -20.24 -22.62 -8.15
C GLY B 287 -21.18 -21.48 -8.51
N ARG B 288 -22.28 -21.32 -7.78
CA ARG B 288 -23.20 -20.23 -8.07
C ARG B 288 -22.62 -18.88 -7.70
N LEU B 289 -21.81 -18.82 -6.64
CA LEU B 289 -21.26 -17.56 -6.15
C LEU B 289 -19.80 -17.45 -6.58
N LEU B 290 -19.47 -16.32 -7.21
CA LEU B 290 -18.10 -16.00 -7.59
C LEU B 290 -17.62 -14.84 -6.73
N LEU B 291 -16.58 -15.08 -5.95
CA LEU B 291 -16.02 -14.08 -5.04
C LEU B 291 -14.71 -13.56 -5.62
N ALA B 292 -14.61 -12.24 -5.75
CA ALA B 292 -13.43 -11.61 -6.34
C ALA B 292 -12.96 -10.46 -5.47
N GLY B 293 -11.66 -10.36 -5.27
CA GLY B 293 -11.08 -9.25 -4.53
C GLY B 293 -10.69 -8.11 -5.46
N TYR B 294 -10.80 -6.88 -4.95
CA TYR B 294 -10.57 -5.68 -5.74
C TYR B 294 -9.58 -4.78 -5.02
N ASP B 295 -8.92 -3.93 -5.81
CA ASP B 295 -7.95 -2.99 -5.23
C ASP B 295 -8.65 -1.88 -4.46
N ASP B 296 -9.97 -1.78 -4.55
CA ASP B 296 -10.74 -0.74 -3.87
C ASP B 296 -11.04 -1.09 -2.41
N PHE B 297 -10.30 -2.04 -1.83
CA PHE B 297 -10.35 -2.40 -0.42
C PHE B 297 -11.58 -3.23 -0.06
N ASN B 298 -12.33 -3.71 -1.04
CA ASN B 298 -13.51 -4.53 -0.78
C ASN B 298 -13.59 -5.64 -1.81
N CYS B 299 -14.33 -6.71 -1.44
CA CYS B 299 -14.51 -7.86 -2.29
C CYS B 299 -15.98 -7.97 -2.69
N ASN B 300 -16.23 -8.16 -3.98
CA ASN B 300 -17.59 -8.28 -4.49
C ASN B 300 -17.96 -9.74 -4.69
N VAL B 301 -19.25 -10.01 -4.55
CA VAL B 301 -19.81 -11.35 -4.77
C VAL B 301 -20.69 -11.29 -6.00
N TRP B 302 -20.39 -12.15 -6.97
CA TRP B 302 -21.08 -12.15 -8.26
C TRP B 302 -21.86 -13.44 -8.44
N ASP B 303 -23.05 -13.33 -9.02
CA ASP B 303 -23.84 -14.49 -9.40
C ASP B 303 -23.28 -15.03 -10.71
N ALA B 304 -22.71 -16.24 -10.68
CA ALA B 304 -22.08 -16.79 -11.86
C ALA B 304 -23.04 -16.92 -13.04
N LEU B 305 -24.34 -16.97 -12.77
CA LEU B 305 -25.33 -17.22 -13.82
C LEU B 305 -26.04 -15.94 -14.25
N LYS B 306 -26.58 -15.17 -13.31
CA LYS B 306 -27.43 -14.03 -13.64
C LYS B 306 -26.63 -12.75 -13.90
N ALA B 307 -25.32 -12.74 -13.63
CA ALA B 307 -24.48 -11.58 -13.94
C ALA B 307 -24.87 -10.36 -13.10
N ASP B 308 -25.06 -10.56 -11.81
CA ASP B 308 -25.37 -9.48 -10.90
C ASP B 308 -24.56 -9.64 -9.62
N ARG B 309 -24.35 -8.52 -8.94
CA ARG B 309 -23.63 -8.51 -7.66
C ARG B 309 -24.58 -8.94 -6.56
N ALA B 310 -24.26 -10.05 -5.90
CA ALA B 310 -25.10 -10.57 -4.83
C ALA B 310 -24.72 -10.03 -3.46
N GLY B 311 -23.48 -9.58 -3.28
CA GLY B 311 -23.05 -9.05 -2.00
C GLY B 311 -21.67 -8.45 -2.11
N VAL B 312 -21.30 -7.72 -1.06
CA VAL B 312 -20.02 -7.04 -1.00
C VAL B 312 -19.41 -7.27 0.37
N LEU B 313 -18.12 -7.56 0.41
CA LEU B 313 -17.36 -7.70 1.64
C LEU B 313 -16.43 -6.51 1.77
N ALA B 314 -16.60 -5.74 2.84
CA ALA B 314 -15.85 -4.49 3.05
C ALA B 314 -15.26 -4.45 4.46
N GLY B 315 -14.65 -5.55 4.88
CA GLY B 315 -14.02 -5.60 6.19
C GLY B 315 -12.61 -5.08 6.18
N HIS B 316 -12.00 -5.01 5.00
CA HIS B 316 -10.62 -4.56 4.86
C HIS B 316 -10.58 -3.04 4.66
N ASP B 317 -9.39 -2.48 4.89
CA ASP B 317 -9.13 -1.07 4.66
C ASP B 317 -7.94 -0.84 3.74
N ASN B 318 -7.31 -1.92 3.25
CA ASN B 318 -6.20 -1.80 2.30
C ASN B 318 -6.44 -2.74 1.14
N ARG B 319 -5.49 -2.78 0.19
CA ARG B 319 -5.66 -3.62 -0.98
C ARG B 319 -5.84 -5.08 -0.59
N VAL B 320 -6.84 -5.73 -1.20
CA VAL B 320 -7.05 -7.15 -0.98
C VAL B 320 -6.07 -7.92 -1.86
N SER B 321 -5.28 -8.80 -1.23
CA SER B 321 -4.23 -9.52 -1.93
C SER B 321 -4.58 -10.97 -2.23
N CYS B 322 -5.43 -11.60 -1.39
CA CYS B 322 -5.72 -13.02 -1.55
C CYS B 322 -7.17 -13.28 -1.16
N LEU B 323 -7.72 -14.37 -1.68
CA LEU B 323 -9.10 -14.75 -1.41
C LEU B 323 -9.22 -16.25 -1.63
N GLY B 324 -9.68 -16.98 -0.61
CA GLY B 324 -9.78 -18.42 -0.72
C GLY B 324 -10.97 -18.99 0.02
N VAL B 325 -11.71 -19.87 -0.64
CA VAL B 325 -12.87 -20.51 -0.03
C VAL B 325 -12.47 -21.89 0.48
N THR B 326 -13.08 -22.30 1.59
CA THR B 326 -12.78 -23.60 2.17
C THR B 326 -13.26 -24.72 1.24
N ASP B 327 -12.62 -25.87 1.37
CA ASP B 327 -12.99 -27.01 0.53
C ASP B 327 -14.42 -27.46 0.78
N ASP B 328 -14.88 -27.38 2.03
CA ASP B 328 -16.27 -27.73 2.35
C ASP B 328 -17.23 -26.58 2.12
N GLY B 329 -16.73 -25.38 1.79
CA GLY B 329 -17.59 -24.25 1.52
C GLY B 329 -18.21 -23.61 2.74
N MET B 330 -17.69 -23.89 3.94
CA MET B 330 -18.27 -23.32 5.15
C MET B 330 -17.97 -21.82 5.28
N ALA B 331 -16.77 -21.38 4.92
CA ALA B 331 -16.40 -19.99 5.09
C ALA B 331 -15.36 -19.61 4.04
N VAL B 332 -15.22 -18.30 3.84
CA VAL B 332 -14.25 -17.73 2.91
C VAL B 332 -13.36 -16.76 3.67
N ALA B 333 -12.05 -16.90 3.51
CA ALA B 333 -11.08 -16.04 4.16
C ALA B 333 -10.42 -15.13 3.13
N THR B 334 -10.32 -13.85 3.46
CA THR B 334 -9.71 -12.85 2.59
C THR B 334 -8.58 -12.15 3.32
N GLY B 335 -7.46 -11.95 2.62
CA GLY B 335 -6.33 -11.23 3.17
C GLY B 335 -6.14 -9.89 2.50
N SER B 336 -5.37 -9.00 3.13
CA SER B 336 -5.16 -7.66 2.59
C SER B 336 -3.80 -7.16 3.04
N TRP B 337 -3.37 -6.06 2.42
CA TRP B 337 -2.10 -5.45 2.77
C TRP B 337 -2.10 -4.85 4.17
N ASP B 338 -3.27 -4.74 4.80
CA ASP B 338 -3.34 -4.24 6.18
C ASP B 338 -2.84 -5.24 7.21
N SER B 339 -2.37 -6.41 6.78
CA SER B 339 -1.79 -7.46 7.62
C SER B 339 -2.84 -8.19 8.44
N PHE B 340 -4.12 -8.14 8.03
CA PHE B 340 -5.20 -8.79 8.75
C PHE B 340 -5.99 -9.69 7.82
N LEU B 341 -6.45 -10.82 8.35
CA LEU B 341 -7.29 -11.75 7.63
C LEU B 341 -8.71 -11.74 8.22
N LYS B 342 -9.70 -11.66 7.36
CA LYS B 342 -11.10 -11.73 7.75
C LYS B 342 -11.71 -13.02 7.21
N ILE B 343 -12.37 -13.77 8.09
CA ILE B 343 -13.07 -15.00 7.73
C ILE B 343 -14.56 -14.69 7.72
N TRP B 344 -15.21 -14.97 6.60
CA TRP B 344 -16.61 -14.61 6.39
C TRP B 344 -17.46 -15.86 6.27
N ASN B 345 -18.70 -15.77 6.72
CA ASN B 345 -19.64 -16.90 6.67
C ASN B 345 -21.07 -16.41 6.85
N THR C 6 17.55 -15.97 -36.04
CA THR C 6 17.12 -17.35 -35.68
C THR C 6 15.95 -17.33 -34.70
N ALA C 7 16.13 -16.65 -33.58
CA ALA C 7 15.09 -16.58 -32.56
C ALA C 7 13.84 -15.88 -33.10
N SER C 8 14.04 -14.81 -33.88
CA SER C 8 12.89 -14.05 -34.38
C SER C 8 11.97 -14.91 -35.23
N ILE C 9 12.55 -15.72 -36.12
CA ILE C 9 11.72 -16.60 -36.95
C ILE C 9 11.38 -17.88 -36.22
N ALA C 10 12.23 -18.31 -35.28
CA ALA C 10 11.95 -19.52 -34.51
C ALA C 10 10.69 -19.35 -33.67
N GLN C 11 10.51 -18.17 -33.09
CA GLN C 11 9.32 -17.92 -32.28
C GLN C 11 8.05 -18.05 -33.12
N ALA C 12 8.05 -17.47 -34.32
CA ALA C 12 6.89 -17.58 -35.19
C ALA C 12 6.68 -19.02 -35.63
N ARG C 13 7.76 -19.73 -35.93
CA ARG C 13 7.63 -21.13 -36.36
C ARG C 13 7.06 -22.00 -35.24
N LYS C 14 7.42 -21.71 -33.99
CA LYS C 14 6.83 -22.44 -32.88
C LYS C 14 5.37 -22.05 -32.68
N LEU C 15 5.07 -20.76 -32.81
CA LEU C 15 3.70 -20.29 -32.59
C LEU C 15 2.74 -20.88 -33.60
N VAL C 16 3.15 -20.96 -34.87
CA VAL C 16 2.25 -21.47 -35.89
C VAL C 16 1.93 -22.94 -35.63
N GLU C 17 2.94 -23.74 -35.28
CA GLU C 17 2.69 -25.14 -34.97
C GLU C 17 1.83 -25.30 -33.73
N GLN C 18 2.06 -24.48 -32.70
CA GLN C 18 1.23 -24.55 -31.50
C GLN C 18 -0.22 -24.24 -31.83
N LEU C 19 -0.46 -23.20 -32.63
CA LEU C 19 -1.83 -22.85 -32.99
C LEU C 19 -2.47 -23.93 -33.85
N LYS C 20 -1.69 -24.54 -34.75
CA LYS C 20 -2.21 -25.64 -35.55
C LYS C 20 -2.62 -26.80 -34.66
N MET C 21 -1.79 -27.14 -33.67
CA MET C 21 -2.16 -28.20 -32.73
C MET C 21 -3.42 -27.84 -31.98
N GLU C 22 -3.55 -26.57 -31.57
CA GLU C 22 -4.75 -26.14 -30.87
C GLU C 22 -5.99 -26.27 -31.76
N ALA C 23 -5.84 -26.01 -33.06
CA ALA C 23 -6.99 -26.01 -33.96
C ALA C 23 -7.61 -27.40 -34.10
N ASN C 24 -6.83 -28.45 -33.83
CA ASN C 24 -7.30 -29.81 -34.06
C ASN C 24 -8.26 -30.32 -32.99
N ILE C 25 -8.50 -29.56 -31.92
CA ILE C 25 -9.37 -30.03 -30.86
C ILE C 25 -10.83 -29.91 -31.29
N ASP C 26 -11.68 -30.75 -30.71
CA ASP C 26 -13.10 -30.67 -30.95
C ASP C 26 -13.72 -29.57 -30.08
N ARG C 27 -14.88 -29.07 -30.51
CA ARG C 27 -15.53 -27.98 -29.82
C ARG C 27 -17.01 -28.32 -29.61
N ILE C 28 -17.57 -27.79 -28.53
CA ILE C 28 -18.95 -28.04 -28.15
C ILE C 28 -19.72 -26.73 -28.20
N LYS C 29 -21.02 -26.82 -28.48
CA LYS C 29 -21.86 -25.62 -28.52
C LYS C 29 -21.99 -25.02 -27.13
N VAL C 30 -22.17 -23.69 -27.10
CA VAL C 30 -22.28 -22.99 -25.83
C VAL C 30 -23.53 -23.40 -25.07
N SER C 31 -24.61 -23.73 -25.79
CA SER C 31 -25.86 -24.07 -25.12
C SER C 31 -25.72 -25.28 -24.21
N LYS C 32 -25.04 -26.33 -24.69
CA LYS C 32 -24.89 -27.53 -23.87
C LYS C 32 -23.98 -27.27 -22.68
N ALA C 33 -22.95 -26.45 -22.86
CA ALA C 33 -22.09 -26.09 -21.72
C ALA C 33 -22.89 -25.32 -20.68
N ALA C 34 -23.74 -24.40 -21.12
CA ALA C 34 -24.60 -23.67 -20.17
C ALA C 34 -25.54 -24.62 -19.46
N ALA C 35 -26.11 -25.59 -20.19
CA ALA C 35 -26.99 -26.56 -19.57
C ALA C 35 -26.26 -27.37 -18.51
N ASP C 36 -25.03 -27.81 -18.82
CA ASP C 36 -24.25 -28.56 -17.84
C ASP C 36 -23.94 -27.72 -16.61
N LEU C 37 -23.57 -26.46 -16.81
CA LEU C 37 -23.27 -25.59 -15.68
C LEU C 37 -24.50 -25.38 -14.80
N MET C 38 -25.66 -25.13 -15.41
CA MET C 38 -26.88 -24.96 -14.62
C MET C 38 -27.24 -26.24 -13.88
N ALA C 39 -27.07 -27.39 -14.54
CA ALA C 39 -27.36 -28.67 -13.89
C ALA C 39 -26.48 -28.87 -12.67
N TYR C 40 -25.17 -28.59 -12.81
CA TYR C 40 -24.27 -28.73 -11.67
C TYR C 40 -24.67 -27.78 -10.55
N CYS C 41 -24.96 -26.52 -10.89
CA CYS C 41 -25.31 -25.54 -9.86
C CYS C 41 -26.57 -25.95 -9.11
N GLU C 42 -27.59 -26.41 -9.83
CA GLU C 42 -28.83 -26.81 -9.17
C GLU C 42 -28.66 -28.10 -8.37
N ALA C 43 -27.82 -29.03 -8.85
CA ALA C 43 -27.63 -30.28 -8.13
C ALA C 43 -26.84 -30.06 -6.84
N HIS C 44 -25.85 -29.17 -6.85
CA HIS C 44 -25.01 -28.94 -5.68
C HIS C 44 -25.39 -27.66 -4.93
N ALA C 45 -26.57 -27.10 -5.20
CA ALA C 45 -26.97 -25.86 -4.54
C ALA C 45 -27.12 -26.06 -3.03
N LYS C 46 -27.73 -27.17 -2.61
CA LYS C 46 -28.02 -27.37 -1.20
C LYS C 46 -26.76 -27.60 -0.37
N GLU C 47 -25.70 -28.14 -0.97
CA GLU C 47 -24.47 -28.47 -0.25
C GLU C 47 -23.49 -27.30 -0.18
N ASP C 48 -23.99 -26.07 -0.32
CA ASP C 48 -23.15 -24.87 -0.26
C ASP C 48 -23.51 -24.05 0.96
N PRO C 49 -22.73 -24.11 2.04
CA PRO C 49 -23.07 -23.32 3.24
C PRO C 49 -23.08 -21.82 3.00
N LEU C 50 -22.36 -21.32 2.00
CA LEU C 50 -22.36 -19.89 1.71
C LEU C 50 -23.60 -19.45 0.94
N LEU C 51 -24.02 -20.24 -0.06
CA LEU C 51 -25.20 -19.87 -0.84
C LEU C 51 -26.46 -19.88 0.01
N THR C 52 -26.59 -20.87 0.89
CA THR C 52 -27.77 -21.02 1.73
C THR C 52 -27.40 -20.90 3.20
N PRO C 53 -28.32 -20.45 4.05
CA PRO C 53 -27.99 -20.29 5.47
C PRO C 53 -27.71 -21.64 6.14
N VAL C 54 -26.86 -21.60 7.16
CA VAL C 54 -26.49 -22.79 7.90
C VAL C 54 -26.80 -22.55 9.38
N PRO C 55 -27.50 -23.45 10.07
CA PRO C 55 -27.76 -23.23 11.50
C PRO C 55 -26.47 -23.18 12.30
N ALA C 56 -26.49 -22.39 13.38
CA ALA C 56 -25.32 -22.24 14.22
C ALA C 56 -24.96 -23.53 14.95
N SER C 57 -25.87 -24.51 14.97
CA SER C 57 -25.58 -25.77 15.66
C SER C 57 -24.37 -26.49 15.09
N GLU C 58 -24.16 -26.40 13.77
CA GLU C 58 -23.01 -27.02 13.13
C GLU C 58 -22.01 -26.03 12.56
N ASN C 59 -22.39 -24.76 12.41
CA ASN C 59 -21.47 -23.74 11.90
C ASN C 59 -20.29 -23.61 12.85
N PRO C 60 -19.09 -24.05 12.44
CA PRO C 60 -17.94 -23.97 13.36
C PRO C 60 -17.60 -22.55 13.78
N PHE C 61 -17.89 -21.55 12.97
CA PHE C 61 -17.52 -20.17 13.26
C PHE C 61 -18.63 -19.43 14.01
N ARG C 62 -18.96 -19.93 15.20
CA ARG C 62 -19.97 -19.30 16.04
C ARG C 62 -19.57 -19.39 17.51
N GLN D 2 -9.14 -10.51 -29.63
CA GLN D 2 -7.76 -10.44 -29.08
C GLN D 2 -7.18 -9.04 -29.28
N VAL D 3 -6.34 -8.61 -28.33
CA VAL D 3 -5.70 -7.31 -28.43
C VAL D 3 -4.78 -7.33 -29.65
N GLN D 4 -5.07 -6.48 -30.62
CA GLN D 4 -4.32 -6.41 -31.86
C GLN D 4 -3.98 -4.96 -32.19
N LEU D 5 -2.74 -4.74 -32.61
CA LEU D 5 -2.29 -3.44 -33.08
C LEU D 5 -1.65 -3.62 -34.44
N GLN D 6 -2.07 -2.78 -35.40
CA GLN D 6 -1.64 -2.92 -36.80
C GLN D 6 -1.09 -1.57 -37.26
N GLU D 7 0.23 -1.43 -37.21
CA GLU D 7 0.88 -0.23 -37.74
C GLU D 7 0.86 -0.25 -39.26
N SER D 8 0.74 0.93 -39.85
CA SER D 8 0.73 1.06 -41.30
C SER D 8 1.51 2.31 -41.70
N GLY D 9 2.01 2.29 -42.92
CA GLY D 9 2.81 3.40 -43.43
C GLY D 9 4.29 3.17 -43.21
N GLY D 10 5.10 3.58 -44.18
CA GLY D 10 6.54 3.39 -44.08
C GLY D 10 7.16 3.37 -45.47
N GLY D 11 8.26 2.62 -45.57
CA GLY D 11 8.96 2.48 -46.84
C GLY D 11 10.22 3.33 -46.86
N LEU D 12 10.41 4.05 -47.97
CA LEU D 12 11.59 4.90 -48.15
C LEU D 12 11.15 6.32 -48.49
N VAL D 13 11.81 7.29 -47.88
CA VAL D 13 11.56 8.71 -48.13
C VAL D 13 12.88 9.45 -48.07
N GLN D 14 13.04 10.42 -48.97
CA GLN D 14 14.27 11.18 -49.03
C GLN D 14 14.39 12.06 -47.78
N PRO D 15 15.61 12.40 -47.35
CA PRO D 15 15.76 13.24 -46.17
C PRO D 15 15.09 14.60 -46.36
N GLY D 16 14.50 15.11 -45.28
CA GLY D 16 13.78 16.36 -45.32
C GLY D 16 12.32 16.24 -45.72
N GLY D 17 11.85 15.05 -46.06
CA GLY D 17 10.47 14.84 -46.44
C GLY D 17 9.58 14.67 -45.23
N SER D 18 8.38 14.13 -45.49
CA SER D 18 7.39 13.91 -44.44
C SER D 18 6.75 12.55 -44.64
N LEU D 19 6.26 11.98 -43.54
CA LEU D 19 5.63 10.66 -43.57
C LEU D 19 4.52 10.64 -42.53
N ARG D 20 3.46 9.90 -42.83
CA ARG D 20 2.30 9.77 -41.96
C ARG D 20 2.20 8.30 -41.52
N LEU D 21 2.27 8.07 -40.22
CA LEU D 21 2.11 6.74 -39.66
C LEU D 21 0.75 6.60 -38.99
N SER D 22 0.22 5.38 -39.01
CA SER D 22 -1.09 5.10 -38.45
C SER D 22 -1.03 3.81 -37.64
N CYS D 23 -1.98 3.67 -36.72
CA CYS D 23 -2.03 2.50 -35.84
C CYS D 23 -3.48 2.12 -35.63
N ALA D 24 -3.91 1.04 -36.27
CA ALA D 24 -5.25 0.52 -36.04
C ALA D 24 -5.27 -0.33 -34.78
N ALA D 25 -6.31 -0.14 -33.96
CA ALA D 25 -6.43 -0.80 -32.68
C ALA D 25 -7.79 -1.48 -32.58
N SER D 26 -7.81 -2.65 -31.94
CA SER D 26 -9.04 -3.41 -31.77
C SER D 26 -8.87 -4.38 -30.62
N GLY D 27 -9.99 -4.89 -30.12
CA GLY D 27 -9.98 -5.85 -29.03
C GLY D 27 -9.99 -5.24 -27.64
N PHE D 28 -10.00 -3.91 -27.53
CA PHE D 28 -10.02 -3.26 -26.23
C PHE D 28 -10.63 -1.86 -26.39
N THR D 29 -11.03 -1.30 -25.25
CA THR D 29 -11.61 0.05 -25.23
C THR D 29 -10.48 1.05 -25.44
N PHE D 30 -10.46 1.65 -26.64
CA PHE D 30 -9.34 2.49 -27.04
C PHE D 30 -9.16 3.68 -26.11
N SER D 31 -10.27 4.33 -25.74
CA SER D 31 -10.21 5.60 -25.03
C SER D 31 -9.66 5.48 -23.61
N ASN D 32 -9.65 4.28 -23.01
CA ASN D 32 -9.29 4.15 -21.61
C ASN D 32 -7.81 3.87 -21.37
N TYR D 33 -7.00 3.79 -22.42
CA TYR D 33 -5.59 3.43 -22.28
C TYR D 33 -4.70 4.53 -22.86
N LYS D 34 -3.62 4.84 -22.14
CA LYS D 34 -2.60 5.72 -22.67
C LYS D 34 -1.80 5.00 -23.74
N MET D 35 -1.37 5.75 -24.75
CA MET D 35 -0.64 5.19 -25.88
C MET D 35 0.59 6.04 -26.17
N ASN D 36 1.61 5.40 -26.73
CA ASN D 36 2.84 6.08 -27.09
C ASN D 36 3.53 5.32 -28.21
N TRP D 37 4.46 5.99 -28.88
CA TRP D 37 5.21 5.43 -29.99
C TRP D 37 6.65 5.15 -29.56
N VAL D 38 7.16 3.99 -29.93
CA VAL D 38 8.54 3.61 -29.66
C VAL D 38 9.17 3.14 -30.96
N ARG D 39 10.50 3.25 -31.02
CA ARG D 39 11.27 2.90 -32.22
C ARG D 39 12.52 2.15 -31.81
N GLN D 40 13.05 1.37 -32.76
CA GLN D 40 14.26 0.58 -32.54
C GLN D 40 15.13 0.71 -33.78
N ALA D 41 16.18 1.53 -33.69
CA ALA D 41 17.10 1.68 -34.80
C ALA D 41 17.94 0.41 -34.96
N PRO D 42 18.43 0.14 -36.17
CA PRO D 42 19.24 -1.07 -36.38
C PRO D 42 20.48 -1.06 -35.48
N GLY D 43 20.65 -2.13 -34.73
CA GLY D 43 21.75 -2.24 -33.80
C GLY D 43 21.55 -1.52 -32.48
N LYS D 44 20.40 -0.90 -32.27
CA LYS D 44 20.10 -0.14 -31.06
C LYS D 44 18.88 -0.72 -30.35
N GLY D 45 18.74 -0.36 -29.08
CA GLY D 45 17.61 -0.80 -28.29
C GLY D 45 16.37 0.03 -28.55
N LEU D 46 15.31 -0.33 -27.85
CA LEU D 46 14.05 0.39 -27.97
C LEU D 46 14.18 1.82 -27.44
N GLU D 47 13.51 2.75 -28.12
CA GLU D 47 13.52 4.16 -27.76
C GLU D 47 12.10 4.68 -27.72
N TRP D 48 11.80 5.48 -26.69
CA TRP D 48 10.50 6.11 -26.57
C TRP D 48 10.48 7.40 -27.37
N VAL D 49 9.44 7.58 -28.18
CA VAL D 49 9.31 8.73 -29.07
C VAL D 49 8.36 9.77 -28.52
N SER D 50 7.08 9.41 -28.35
CA SER D 50 6.08 10.36 -27.88
C SER D 50 4.90 9.59 -27.31
N ASP D 51 4.16 10.26 -26.42
CA ASP D 51 3.02 9.66 -25.76
C ASP D 51 1.85 10.61 -25.80
N ILE D 52 0.64 10.04 -25.71
CA ILE D 52 -0.60 10.80 -25.71
C ILE D 52 -1.51 10.22 -24.64
N SER D 53 -2.19 11.10 -23.89
CA SER D 53 -3.07 10.67 -22.82
C SER D 53 -4.36 10.11 -23.41
N GLN D 54 -5.29 9.75 -22.51
CA GLN D 54 -6.56 9.17 -22.95
C GLN D 54 -7.35 10.15 -23.81
N SER D 55 -7.52 11.38 -23.32
CA SER D 55 -8.27 12.40 -24.04
C SER D 55 -7.40 13.24 -24.96
N GLY D 56 -6.07 13.09 -24.88
CA GLY D 56 -5.16 13.85 -25.70
C GLY D 56 -4.76 15.19 -25.11
N ALA D 57 -5.30 15.57 -23.95
CA ALA D 57 -4.96 16.86 -23.36
C ALA D 57 -3.48 16.96 -23.00
N SER D 58 -2.83 15.84 -22.71
CA SER D 58 -1.42 15.81 -22.37
C SER D 58 -0.64 15.07 -23.46
N ILE D 59 0.38 15.74 -23.99
CA ILE D 59 1.21 15.18 -25.05
C ILE D 59 2.67 15.50 -24.74
N SER D 60 3.54 14.54 -25.00
CA SER D 60 4.97 14.71 -24.74
C SER D 60 5.76 14.09 -25.89
N TYR D 61 6.96 14.64 -26.10
CA TYR D 61 7.87 14.15 -27.11
C TYR D 61 9.28 14.09 -26.53
N THR D 62 10.09 13.20 -27.07
CA THR D 62 11.50 13.15 -26.70
C THR D 62 12.21 14.39 -27.25
N GLY D 63 13.32 14.75 -26.60
CA GLY D 63 14.01 15.98 -26.95
C GLY D 63 14.45 16.04 -28.39
N SER D 64 14.90 14.90 -28.94
CA SER D 64 15.35 14.87 -30.33
C SER D 64 14.21 14.88 -31.32
N VAL D 65 12.95 14.79 -30.87
CA VAL D 65 11.80 14.78 -31.76
C VAL D 65 10.90 15.98 -31.44
N LYS D 66 11.17 16.65 -30.32
CA LYS D 66 10.33 17.77 -29.91
C LYS D 66 10.23 18.80 -31.01
N GLY D 67 9.01 19.20 -31.33
CA GLY D 67 8.76 20.18 -32.37
C GLY D 67 8.86 19.66 -33.79
N ARG D 68 9.24 18.39 -33.99
CA ARG D 68 9.42 17.84 -35.32
C ARG D 68 8.27 16.93 -35.72
N PHE D 69 7.89 15.98 -34.87
CA PHE D 69 6.79 15.07 -35.12
C PHE D 69 5.56 15.52 -34.35
N THR D 70 4.43 14.90 -34.65
CA THR D 70 3.15 15.24 -34.01
C THR D 70 2.36 13.96 -33.79
N ILE D 71 2.01 13.70 -32.54
CA ILE D 71 1.24 12.51 -32.17
C ILE D 71 -0.21 12.92 -31.94
N SER D 72 -1.13 12.17 -32.54
CA SER D 72 -2.55 12.44 -32.39
C SER D 72 -3.29 11.12 -32.35
N ARG D 73 -4.45 11.13 -31.68
CA ARG D 73 -5.28 9.94 -31.52
C ARG D 73 -6.71 10.25 -31.91
N ASP D 74 -7.40 9.23 -32.43
CA ASP D 74 -8.79 9.34 -32.85
C ASP D 74 -9.58 8.26 -32.11
N ASN D 75 -10.14 8.62 -30.96
CA ASN D 75 -10.91 7.68 -30.16
C ASN D 75 -12.20 7.24 -30.84
N ALA D 76 -12.68 8.00 -31.82
CA ALA D 76 -13.94 7.64 -32.48
C ALA D 76 -13.78 6.42 -33.38
N LYS D 77 -12.56 6.16 -33.88
CA LYS D 77 -12.31 5.03 -34.76
C LYS D 77 -11.11 4.22 -34.31
N ASN D 78 -10.66 4.42 -33.07
CA ASN D 78 -9.58 3.62 -32.48
C ASN D 78 -8.35 3.60 -33.39
N THR D 79 -7.87 4.80 -33.73
CA THR D 79 -6.67 4.96 -34.54
C THR D 79 -5.75 5.98 -33.91
N LEU D 80 -4.45 5.72 -33.98
CA LEU D 80 -3.42 6.62 -33.48
C LEU D 80 -2.49 6.99 -34.63
N TYR D 81 -2.06 8.25 -34.66
CA TYR D 81 -1.28 8.78 -35.76
C TYR D 81 0.00 9.40 -35.24
N LEU D 82 1.00 9.47 -36.13
CA LEU D 82 2.28 10.11 -35.82
C LEU D 82 2.77 10.79 -37.09
N GLN D 83 2.58 12.10 -37.18
CA GLN D 83 3.00 12.86 -38.35
C GLN D 83 4.48 13.20 -38.21
N MET D 84 5.27 12.87 -39.22
CA MET D 84 6.71 13.09 -39.24
C MET D 84 7.08 13.98 -40.41
N ASN D 85 7.94 14.97 -40.15
CA ASN D 85 8.40 15.88 -41.17
C ASN D 85 9.85 16.27 -40.88
N SER D 86 10.53 16.77 -41.92
CA SER D 86 11.93 17.14 -41.81
C SER D 86 12.76 15.99 -41.25
N LEU D 87 12.56 14.81 -41.84
CA LEU D 87 13.25 13.61 -41.37
C LEU D 87 14.75 13.71 -41.63
N LYS D 88 15.51 13.00 -40.80
CA LYS D 88 16.96 12.92 -40.91
C LYS D 88 17.39 11.47 -40.96
N PRO D 89 18.60 11.19 -41.46
CA PRO D 89 19.04 9.79 -41.55
C PRO D 89 19.00 9.05 -40.23
N GLU D 90 19.28 9.74 -39.11
CA GLU D 90 19.25 9.09 -37.80
C GLU D 90 17.86 8.62 -37.41
N ASP D 91 16.81 9.08 -38.10
CA ASP D 91 15.45 8.69 -37.78
C ASP D 91 15.08 7.33 -38.34
N THR D 92 15.93 6.72 -39.16
CA THR D 92 15.63 5.40 -39.72
C THR D 92 15.57 4.38 -38.61
N ALA D 93 14.42 3.72 -38.48
CA ALA D 93 14.21 2.73 -37.42
C ALA D 93 12.83 2.13 -37.61
N VAL D 94 12.63 0.96 -37.00
CA VAL D 94 11.33 0.32 -36.99
C VAL D 94 10.50 0.93 -35.86
N TYR D 95 9.36 1.52 -36.22
CA TYR D 95 8.50 2.20 -35.25
C TYR D 95 7.39 1.26 -34.82
N TYR D 96 7.28 1.03 -33.52
CA TYR D 96 6.28 0.14 -32.95
C TYR D 96 5.21 0.95 -32.24
N CYS D 97 3.96 0.61 -32.51
CA CYS D 97 2.81 1.20 -31.83
C CYS D 97 2.51 0.36 -30.59
N ALA D 98 2.70 0.94 -29.42
CA ALA D 98 2.64 0.20 -28.17
C ALA D 98 1.58 0.77 -27.25
N ARG D 99 0.93 -0.12 -26.51
CA ARG D 99 -0.03 0.24 -25.48
C ARG D 99 0.42 -0.36 -24.15
N CYS D 100 0.65 0.50 -23.17
CA CYS D 100 1.08 0.02 -21.87
C CYS D 100 -0.11 -0.39 -21.01
N PRO D 101 0.17 -1.32 -20.07
CA PRO D 101 -0.86 -2.18 -19.51
C PRO D 101 -2.22 -1.77 -19.01
N ALA D 102 -2.31 -0.76 -18.17
CA ALA D 102 -3.54 -0.63 -17.41
C ALA D 102 -4.36 0.57 -17.86
N PRO D 103 -5.69 0.48 -17.81
CA PRO D 103 -6.52 1.64 -18.11
C PRO D 103 -6.71 2.53 -16.89
N PHE D 104 -7.18 3.75 -17.16
CA PHE D 104 -7.49 4.72 -16.10
C PHE D 104 -6.26 5.04 -15.25
N THR D 105 -5.06 4.71 -15.73
CA THR D 105 -3.83 4.98 -15.03
C THR D 105 -2.80 5.54 -16.00
N ARG D 106 -2.08 6.56 -15.55
CA ARG D 106 -1.01 7.16 -16.34
C ARG D 106 0.35 6.57 -16.06
N ASP D 107 0.46 5.60 -15.15
CA ASP D 107 1.68 4.83 -15.03
C ASP D 107 1.82 3.91 -16.23
N CYS D 108 3.04 3.82 -16.76
CA CYS D 108 3.16 3.28 -18.10
C CYS D 108 4.56 2.71 -18.29
N PHE D 109 4.62 1.42 -18.70
CA PHE D 109 5.86 0.63 -18.70
C PHE D 109 6.02 -0.12 -20.03
N ASP D 110 5.88 0.60 -21.16
CA ASP D 110 5.95 -0.05 -22.46
C ASP D 110 7.28 0.18 -23.18
N VAL D 111 8.41 0.17 -22.49
CA VAL D 111 9.71 0.35 -23.12
C VAL D 111 10.58 -0.89 -22.86
N THR D 112 9.99 -1.93 -22.27
CA THR D 112 10.75 -3.11 -21.91
C THR D 112 11.36 -3.76 -23.14
N SER D 113 12.65 -4.15 -23.02
CA SER D 113 13.34 -4.80 -24.12
C SER D 113 12.71 -6.15 -24.45
N THR D 114 12.35 -6.92 -23.43
CA THR D 114 11.77 -8.23 -23.66
C THR D 114 10.45 -8.10 -24.39
N THR D 115 10.06 -9.17 -25.09
CA THR D 115 8.83 -9.18 -25.89
C THR D 115 7.66 -8.63 -25.08
N TYR D 116 7.08 -7.53 -25.53
CA TYR D 116 5.95 -6.94 -24.84
C TYR D 116 4.65 -7.36 -25.51
N ALA D 117 3.68 -7.80 -24.70
CA ALA D 117 2.48 -8.42 -25.24
C ALA D 117 1.53 -7.41 -25.88
N TYR D 118 1.67 -6.12 -25.57
CA TYR D 118 0.72 -5.10 -26.01
C TYR D 118 1.39 -4.07 -26.94
N ARG D 119 2.21 -4.54 -27.88
CA ARG D 119 2.74 -3.69 -28.94
C ARG D 119 2.61 -4.41 -30.27
N GLY D 120 2.43 -3.62 -31.32
CA GLY D 120 2.18 -4.15 -32.65
C GLY D 120 3.45 -4.65 -33.30
N GLN D 121 3.28 -5.13 -34.55
CA GLN D 121 4.41 -5.68 -35.29
C GLN D 121 5.40 -4.59 -35.66
N GLY D 122 4.95 -3.37 -35.88
CA GLY D 122 5.82 -2.27 -36.23
C GLY D 122 5.95 -2.11 -37.74
N THR D 123 6.43 -0.94 -38.14
CA THR D 123 6.62 -0.60 -39.54
C THR D 123 8.02 -0.02 -39.74
N GLN D 124 8.62 -0.31 -40.89
CA GLN D 124 9.96 0.15 -41.19
C GLN D 124 9.90 1.51 -41.87
N VAL D 125 10.71 2.44 -41.39
CA VAL D 125 10.85 3.77 -41.98
C VAL D 125 12.32 3.98 -42.32
N THR D 126 12.60 4.24 -43.60
CA THR D 126 13.96 4.43 -44.08
C THR D 126 14.10 5.85 -44.62
N VAL D 127 15.18 6.51 -44.23
CA VAL D 127 15.47 7.88 -44.65
C VAL D 127 16.82 7.86 -45.35
N SER D 128 16.81 7.95 -46.67
CA SER D 128 18.04 7.96 -47.45
C SER D 128 17.75 8.59 -48.80
N SER D 129 18.82 9.03 -49.47
CA SER D 129 18.69 9.65 -50.78
C SER D 129 18.27 8.63 -51.83
N MET E 151 -30.58 29.98 45.46
CA MET E 151 -30.73 31.21 44.84
C MET E 151 -30.64 31.12 43.34
N GLU E 152 -31.19 32.02 42.59
CA GLU E 152 -31.18 32.09 41.18
C GLU E 152 -29.78 32.14 40.62
N SER E 153 -28.84 32.84 41.28
CA SER E 153 -27.44 32.93 40.81
C SER E 153 -26.82 31.54 40.66
N SER E 154 -26.77 30.74 41.73
CA SER E 154 -26.21 29.40 41.71
C SER E 154 -26.93 28.47 40.71
N PHE E 155 -28.23 28.62 40.48
CA PHE E 155 -28.95 27.86 39.53
C PHE E 155 -28.55 28.17 38.11
N SER E 156 -28.46 29.42 37.76
CA SER E 156 -28.10 29.94 36.51
C SER E 156 -26.72 29.50 36.07
N PHE E 157 -25.83 29.29 37.03
CA PHE E 157 -24.48 28.81 36.84
C PHE E 157 -24.42 27.28 36.75
N GLY E 158 -25.20 26.58 37.59
CA GLY E 158 -25.30 25.21 37.62
C GLY E 158 -25.83 24.57 36.40
N VAL E 159 -26.78 25.18 35.77
CA VAL E 159 -27.32 24.82 34.51
C VAL E 159 -26.26 24.79 33.44
N ILE E 160 -25.46 25.80 33.34
CA ILE E 160 -24.37 25.96 32.47
C ILE E 160 -23.34 24.87 32.71
N LEU E 161 -23.00 24.62 33.94
CA LEU E 161 -22.15 23.58 34.38
C LEU E 161 -22.60 22.24 33.88
N ALA E 162 -23.84 21.91 34.04
CA ALA E 162 -24.47 20.73 33.61
C ALA E 162 -24.35 20.53 32.13
N VAL E 163 -24.67 21.51 31.35
CA VAL E 163 -24.60 21.54 29.94
C VAL E 163 -23.20 21.25 29.47
N LEU E 164 -22.24 21.95 29.98
CA LEU E 164 -20.86 21.82 29.71
C LEU E 164 -20.35 20.45 30.00
N ALA E 165 -20.65 19.90 31.14
CA ALA E 165 -20.30 18.62 31.59
C ALA E 165 -20.81 17.54 30.66
N SER E 166 -22.09 17.65 30.32
CA SER E 166 -22.69 16.66 29.42
C SER E 166 -22.02 16.68 28.05
N LEU E 167 -21.80 17.88 27.49
CA LEU E 167 -21.14 17.96 26.19
C LEU E 167 -19.74 17.38 26.26
N ILE E 168 -18.96 17.69 27.25
CA ILE E 168 -17.64 17.22 27.50
C ILE E 168 -17.61 15.72 27.54
N ILE E 169 -18.51 15.16 28.35
CA ILE E 169 -18.55 13.72 28.56
C ILE E 169 -18.88 13.01 27.24
N ALA E 170 -19.88 13.51 26.52
CA ALA E 170 -20.27 12.88 25.27
C ALA E 170 -19.13 12.92 24.25
N THR E 171 -18.53 14.10 24.07
CA THR E 171 -17.46 14.24 23.07
C THR E 171 -16.28 13.34 23.42
N ASN E 172 -15.89 13.33 24.69
CA ASN E 172 -14.72 12.54 25.08
C ASN E 172 -15.01 11.05 25.04
N THR E 173 -16.23 10.62 25.35
CA THR E 173 -16.58 9.21 25.18
C THR E 173 -16.48 8.81 23.71
N LEU E 174 -17.00 9.65 22.81
CA LEU E 174 -16.89 9.34 21.38
C LEU E 174 -15.42 9.26 20.96
N VAL E 175 -14.61 10.21 21.41
CA VAL E 175 -13.19 10.20 21.05
C VAL E 175 -12.51 8.96 21.60
N ALA E 176 -12.85 8.59 22.84
CA ALA E 176 -12.21 7.43 23.48
C ALA E 176 -12.55 6.15 22.73
N VAL E 177 -13.83 5.98 22.34
CA VAL E 177 -14.19 4.77 21.62
C VAL E 177 -13.54 4.76 20.24
N ALA E 178 -13.43 5.93 19.60
CA ALA E 178 -12.74 5.99 18.31
C ALA E 178 -11.28 5.57 18.45
N VAL E 179 -10.61 6.09 19.47
CA VAL E 179 -9.20 5.76 19.67
C VAL E 179 -9.04 4.29 20.04
N LEU E 180 -9.98 3.74 20.81
CA LEU E 180 -9.92 2.32 21.15
C LEU E 180 -10.04 1.45 19.90
N LEU E 181 -11.01 1.75 19.04
CA LEU E 181 -11.16 0.97 17.82
C LEU E 181 -9.94 1.12 16.91
N LEU E 182 -9.41 2.34 16.80
CA LEU E 182 -8.22 2.55 15.98
C LEU E 182 -7.02 1.80 16.52
N ILE E 183 -6.82 1.80 17.84
CA ILE E 183 -5.76 1.02 18.45
C ILE E 183 -5.94 -0.46 18.20
N HIS E 184 -7.18 -0.95 18.25
CA HIS E 184 -7.44 -2.34 17.88
C HIS E 184 -7.04 -2.59 16.43
N LYS E 185 -7.25 -1.59 15.56
CA LYS E 185 -6.98 -1.72 14.11
C LYS E 185 -5.52 -1.43 13.78
N ASN E 186 -4.80 -0.66 14.60
CA ASN E 186 -3.45 -0.25 14.28
C ASN E 186 -2.60 -0.26 15.54
N ASP E 187 -1.28 -0.25 15.34
CA ASP E 187 -0.32 -0.38 16.43
C ASP E 187 0.19 0.97 16.94
N GLY E 188 -0.37 2.08 16.47
CA GLY E 188 0.08 3.40 16.87
C GLY E 188 0.19 3.58 18.38
N VAL E 189 1.41 3.75 18.88
CA VAL E 189 1.60 3.95 20.31
C VAL E 189 1.05 5.29 20.75
N SER E 190 1.19 6.33 19.92
CA SER E 190 0.68 7.64 20.27
C SER E 190 -0.82 7.63 20.52
N LEU E 191 -1.55 6.68 19.93
CA LEU E 191 -2.98 6.60 20.17
C LEU E 191 -3.29 6.31 21.63
N CYS E 192 -2.39 5.61 22.33
CA CYS E 192 -2.59 5.36 23.75
C CYS E 192 -2.64 6.66 24.53
N PHE E 193 -1.82 7.62 24.25
CA PHE E 193 -1.79 8.92 24.80
C PHE E 193 -3.08 9.66 24.56
N THR E 194 -3.57 9.55 23.33
CA THR E 194 -4.85 10.17 22.98
C THR E 194 -5.99 9.56 23.79
N LEU E 195 -5.99 8.23 23.95
CA LEU E 195 -7.00 7.59 24.79
C LEU E 195 -6.90 8.05 26.23
N ASN E 196 -5.73 8.19 26.77
CA ASN E 196 -5.45 8.72 28.06
C ASN E 196 -6.03 10.08 28.25
N LEU E 197 -5.82 10.96 27.32
CA LEU E 197 -6.32 12.29 27.25
C LEU E 197 -7.82 12.32 27.29
N ALA E 198 -8.42 11.48 26.44
CA ALA E 198 -9.87 11.40 26.39
C ALA E 198 -10.44 10.92 27.72
N VAL E 199 -9.81 9.92 28.33
CA VAL E 199 -10.27 9.41 29.61
C VAL E 199 -10.15 10.49 30.69
N ALA E 200 -9.10 11.24 30.73
CA ALA E 200 -8.84 12.32 31.59
C ALA E 200 -9.91 13.38 31.49
N ASP E 201 -10.25 13.77 30.31
CA ASP E 201 -11.26 14.71 29.98
C ASP E 201 -12.62 14.26 30.45
N THR E 202 -12.93 12.99 30.18
CA THR E 202 -14.20 12.43 30.65
C THR E 202 -14.26 12.43 32.17
N LEU E 203 -13.20 12.14 32.86
CA LEU E 203 -13.06 12.17 34.27
C LEU E 203 -13.30 13.55 34.83
N ILE E 204 -12.76 14.56 34.23
CA ILE E 204 -12.96 15.94 34.50
C ILE E 204 -14.42 16.28 34.43
N GLY E 205 -15.06 15.92 33.36
CA GLY E 205 -16.41 16.10 33.17
C GLY E 205 -17.30 15.51 34.19
N VAL E 206 -17.03 14.30 34.59
CA VAL E 206 -17.64 13.59 35.64
C VAL E 206 -17.52 14.33 36.95
N ALA E 207 -16.34 14.75 37.29
CA ALA E 207 -15.99 15.45 38.47
C ALA E 207 -16.77 16.73 38.61
N ILE E 208 -16.86 17.51 37.58
CA ILE E 208 -17.61 18.70 37.47
C ILE E 208 -19.06 18.46 37.80
N SER E 209 -19.61 17.39 37.31
CA SER E 209 -20.93 16.95 37.54
C SER E 209 -21.23 16.78 39.01
N GLY E 210 -20.31 16.33 39.78
CA GLY E 210 -20.43 16.18 41.15
C GLY E 210 -20.75 17.40 41.91
N LEU E 211 -20.12 18.51 41.51
CA LEU E 211 -20.30 19.85 42.09
C LEU E 211 -21.70 20.41 41.86
N LEU E 212 -22.47 19.83 40.96
CA LEU E 212 -23.81 20.18 40.66
C LEU E 212 -24.71 20.10 41.87
N THR E 213 -24.43 19.23 42.79
CA THR E 213 -25.13 18.98 43.98
C THR E 213 -25.28 20.21 44.84
N ASP E 214 -24.31 21.14 44.80
CA ASP E 214 -24.30 22.33 45.66
C ASP E 214 -24.54 23.64 44.89
N GLN E 215 -24.63 23.56 43.54
CA GLN E 215 -24.99 24.69 42.66
C GLN E 215 -26.53 24.82 42.64
N LEU E 216 -27.19 23.67 42.52
CA LEU E 216 -28.59 23.47 42.63
C LEU E 216 -29.07 23.72 44.03
N SER E 217 -30.30 24.07 44.25
CA SER E 217 -30.92 24.29 45.50
C SER E 217 -30.74 23.10 46.40
N SER E 218 -29.93 23.15 47.40
CA SER E 218 -29.60 22.15 48.34
C SER E 218 -29.11 22.70 49.64
N PRO E 219 -29.36 22.06 50.79
CA PRO E 219 -28.83 22.51 52.05
C PRO E 219 -27.37 22.21 52.23
N SER E 220 -26.75 22.72 53.24
CA SER E 220 -25.40 22.57 53.64
C SER E 220 -25.22 22.61 55.13
N ARG E 221 -24.20 22.04 55.67
CA ARG E 221 -23.84 21.90 57.02
C ARG E 221 -22.35 21.84 57.24
N PRO E 222 -21.84 22.16 58.43
CA PRO E 222 -20.41 22.07 58.67
C PRO E 222 -19.78 20.74 58.37
N THR E 223 -20.47 19.66 58.57
CA THR E 223 -20.05 18.32 58.37
C THR E 223 -19.65 18.02 56.95
N GLN E 224 -20.06 18.80 56.00
CA GLN E 224 -19.84 18.68 54.61
C GLN E 224 -18.40 18.88 54.21
N LYS E 225 -17.55 19.38 55.05
CA LYS E 225 -16.20 19.70 54.83
C LYS E 225 -15.48 18.61 54.07
N THR E 226 -15.30 17.48 54.67
CA THR E 226 -14.61 16.35 54.17
C THR E 226 -15.20 15.84 52.89
N LEU E 227 -16.48 15.65 52.83
CA LEU E 227 -17.21 15.12 51.75
C LEU E 227 -16.98 15.88 50.47
N CYS E 228 -17.23 17.15 50.46
CA CYS E 228 -17.11 18.05 49.38
C CYS E 228 -15.66 18.31 49.02
N SER E 229 -14.81 18.36 49.99
CA SER E 229 -13.40 18.48 49.87
C SER E 229 -12.81 17.36 49.05
N LEU E 230 -13.27 16.17 49.25
CA LEU E 230 -12.90 15.00 48.54
C LEU E 230 -13.09 15.15 47.06
N ARG E 231 -14.24 15.57 46.63
CA ARG E 231 -14.61 15.81 45.29
C ARG E 231 -13.88 16.98 44.68
N MET E 232 -13.57 18.04 45.44
CA MET E 232 -12.73 19.16 44.98
C MET E 232 -11.30 18.71 44.69
N ALA E 233 -10.76 17.81 45.50
CA ALA E 233 -9.54 17.16 45.30
C ALA E 233 -9.56 16.30 44.07
N PHE E 234 -10.61 15.59 43.83
CA PHE E 234 -10.90 14.83 42.69
C PHE E 234 -10.83 15.65 41.43
N VAL E 235 -11.47 16.82 41.43
CA VAL E 235 -11.44 17.81 40.33
C VAL E 235 -10.00 18.26 40.06
N THR E 236 -9.29 18.68 41.10
CA THR E 236 -7.88 19.07 41.03
C THR E 236 -7.04 18.00 40.36
N SER E 237 -7.23 16.73 40.74
CA SER E 237 -6.57 15.58 40.26
C SER E 237 -6.83 15.35 38.79
N SER E 238 -8.04 15.42 38.37
CA SER E 238 -8.50 15.28 37.04
C SER E 238 -7.88 16.31 36.13
N ALA E 239 -7.89 17.58 36.55
CA ALA E 239 -7.28 18.67 35.81
C ALA E 239 -5.76 18.47 35.68
N ALA E 240 -5.06 18.14 36.76
CA ALA E 240 -3.64 17.82 36.70
C ALA E 240 -3.33 16.65 35.75
N ALA E 241 -4.18 15.63 35.69
CA ALA E 241 -4.10 14.52 34.84
C ALA E 241 -4.17 14.92 33.39
N SER E 242 -5.12 15.72 33.04
CA SER E 242 -5.32 16.28 31.74
C SER E 242 -4.12 17.07 31.28
N VAL E 243 -3.62 17.98 32.12
CA VAL E 243 -2.47 18.82 31.80
C VAL E 243 -1.22 17.97 31.59
N LEU E 244 -0.98 16.99 32.46
CA LEU E 244 0.17 16.10 32.29
C LEU E 244 0.04 15.20 31.07
N THR E 245 -1.15 14.79 30.64
CA THR E 245 -1.41 14.09 29.44
C THR E 245 -1.05 14.90 28.23
N VAL E 246 -1.45 16.13 28.18
CA VAL E 246 -1.10 17.08 27.20
C VAL E 246 0.40 17.23 27.09
N MET E 247 1.07 17.40 28.22
CA MET E 247 2.53 17.52 28.26
C MET E 247 3.23 16.27 27.74
N LEU E 248 2.70 15.11 28.06
CA LEU E 248 3.16 13.85 27.63
C LEU E 248 3.08 13.71 26.13
N ILE E 249 1.99 14.08 25.54
CA ILE E 249 1.75 14.13 24.14
C ILE E 249 2.75 15.01 23.45
N THR E 250 2.96 16.19 23.94
CA THR E 250 3.89 17.14 23.50
C THR E 250 5.30 16.58 23.48
N PHE E 251 5.71 15.97 24.54
CA PHE E 251 6.96 15.31 24.73
C PHE E 251 7.18 14.22 23.72
N ASP E 252 6.22 13.39 23.50
CA ASP E 252 6.19 12.35 22.55
C ASP E 252 6.45 12.86 21.16
N ARG E 253 5.76 13.87 20.75
CA ARG E 253 5.89 14.55 19.52
C ARG E 253 7.28 15.08 19.32
N TYR E 254 7.80 15.77 20.29
CA TYR E 254 9.10 16.33 20.34
C TYR E 254 10.17 15.29 20.14
N LEU E 255 10.10 14.21 20.84
CA LEU E 255 10.95 13.09 20.76
C LEU E 255 10.95 12.47 19.39
N ALA E 256 9.74 12.28 18.84
CA ALA E 256 9.63 11.69 17.52
C ALA E 256 10.28 12.58 16.46
N ILE E 257 10.08 13.90 16.55
CA ILE E 257 10.66 14.80 15.58
C ILE E 257 12.18 14.86 15.73
N LYS E 258 12.67 14.99 16.97
CA LYS E 258 14.09 15.21 17.20
C LYS E 258 14.91 13.94 17.05
N GLN E 259 14.37 12.78 17.41
CA GLN E 259 15.11 11.51 17.40
C GLN E 259 14.31 10.49 16.61
N PRO E 260 14.25 10.62 15.29
CA PRO E 260 13.41 9.70 14.50
C PRO E 260 13.82 8.24 14.62
N PHE E 261 15.12 7.95 14.75
CA PHE E 261 15.56 6.56 14.81
C PHE E 261 15.43 5.99 16.22
N ARG E 262 15.95 6.70 17.22
CA ARG E 262 15.86 6.22 18.58
C ARG E 262 14.42 6.15 19.05
N TYR E 263 13.57 7.09 18.60
CA TYR E 263 12.16 7.04 18.95
C TYR E 263 11.54 5.73 18.52
N LEU E 264 11.79 5.33 17.27
CA LEU E 264 11.28 4.05 16.78
C LEU E 264 11.91 2.88 17.55
N LYS E 265 13.22 2.97 17.82
CA LYS E 265 13.91 1.85 18.44
C LYS E 265 13.37 1.57 19.84
N ILE E 266 13.16 2.62 20.63
CA ILE E 266 12.85 2.42 22.05
C ILE E 266 11.33 2.45 22.32
N MET E 267 10.57 3.21 21.54
CA MET E 267 9.15 3.38 21.83
C MET E 267 8.44 2.03 21.75
N SER E 268 7.61 1.73 22.75
CA SER E 268 6.86 0.49 22.79
C SER E 268 5.72 0.65 23.77
N GLY E 269 4.84 -0.36 23.81
CA GLY E 269 3.71 -0.33 24.71
C GLY E 269 4.08 -0.28 26.18
N PHE E 270 5.18 -0.94 26.55
CA PHE E 270 5.60 -0.95 27.95
C PHE E 270 5.90 0.46 28.44
N VAL E 271 6.65 1.23 27.66
CA VAL E 271 7.02 2.59 28.06
C VAL E 271 5.77 3.47 28.15
N ALA E 272 4.87 3.35 27.17
CA ALA E 272 3.65 4.15 27.20
C ALA E 272 2.80 3.82 28.43
N GLY E 273 2.66 2.53 28.75
CA GLY E 273 1.89 2.15 29.93
C GLY E 273 2.53 2.65 31.21
N ALA E 274 3.81 2.56 31.37
CA ALA E 274 4.56 3.05 32.46
C ALA E 274 4.36 4.54 32.65
N CYS E 275 4.47 5.29 31.60
CA CYS E 275 4.26 6.68 31.54
C CYS E 275 2.87 7.07 31.99
N ILE E 276 1.87 6.41 31.52
CA ILE E 276 0.51 6.57 31.84
C ILE E 276 0.27 6.37 33.32
N ALA E 277 0.76 5.31 33.86
CA ALA E 277 0.68 4.94 35.22
C ALA E 277 1.29 5.99 36.11
N GLY E 278 2.47 6.42 35.82
CA GLY E 278 3.12 7.44 36.48
C GLY E 278 2.44 8.76 36.47
N LEU E 279 1.89 9.13 35.36
CA LEU E 279 1.08 10.26 35.14
C LEU E 279 -0.10 10.29 36.08
N TRP E 280 -0.84 9.24 36.13
CA TRP E 280 -1.96 9.03 36.96
C TRP E 280 -1.61 9.17 38.42
N LEU E 281 -0.58 8.52 38.86
CA LEU E 281 -0.06 8.52 40.17
C LEU E 281 0.28 9.92 40.64
N VAL E 282 1.06 10.64 39.82
CA VAL E 282 1.49 12.00 40.13
C VAL E 282 0.31 12.95 40.18
N SER E 283 -0.68 12.79 39.30
CA SER E 283 -1.87 13.53 39.26
C SER E 283 -2.66 13.40 40.53
N TYR E 284 -2.91 12.21 40.99
CA TYR E 284 -3.55 11.88 42.19
C TYR E 284 -2.85 12.44 43.39
N LEU E 285 -1.57 12.29 43.47
CA LEU E 285 -0.71 12.82 44.46
C LEU E 285 -0.91 14.30 44.62
N ILE E 286 -0.74 15.03 43.50
CA ILE E 286 -0.87 16.48 43.40
C ILE E 286 -2.25 16.91 43.91
N GLY E 287 -3.30 16.24 43.47
CA GLY E 287 -4.60 16.50 43.84
C GLY E 287 -4.94 16.35 45.26
N PHE E 288 -4.38 15.39 45.92
CA PHE E 288 -4.53 15.01 47.27
C PHE E 288 -3.50 15.54 48.23
N LEU E 289 -2.59 16.37 47.84
CA LEU E 289 -1.66 17.04 48.66
C LEU E 289 -2.27 17.82 49.79
N PRO E 290 -3.21 18.73 49.52
CA PRO E 290 -3.78 19.56 50.57
C PRO E 290 -4.50 18.84 51.67
N LEU E 291 -4.97 17.66 51.48
CA LEU E 291 -5.63 16.83 52.41
C LEU E 291 -4.80 16.54 53.63
N GLY E 292 -3.51 16.25 53.39
CA GLY E 292 -2.60 15.91 54.46
C GLY E 292 -1.77 17.09 54.93
N ILE E 293 -1.27 17.89 54.06
CA ILE E 293 -0.47 19.05 54.31
C ILE E 293 -1.25 20.04 55.14
N PRO E 294 -0.80 20.48 56.31
CA PRO E 294 -1.57 21.41 57.12
C PRO E 294 -1.80 22.77 56.51
N MET E 295 -0.76 23.43 56.11
CA MET E 295 -0.72 24.76 55.64
C MET E 295 -1.68 25.01 54.49
N PHE E 296 -1.90 24.06 53.64
CA PHE E 296 -2.74 24.10 52.51
C PHE E 296 -4.21 23.97 52.83
N GLN E 297 -4.59 23.63 54.02
CA GLN E 297 -5.89 23.47 54.52
C GLN E 297 -6.49 24.77 54.97
N GLN E 298 -7.66 25.19 54.52
CA GLN E 298 -8.33 26.43 54.88
C GLN E 298 -9.14 26.18 56.14
N THR E 299 -8.88 26.99 57.16
CA THR E 299 -9.52 27.04 58.41
C THR E 299 -10.83 27.79 58.35
N ALA E 300 -11.58 27.82 59.40
CA ALA E 300 -12.78 28.56 59.53
C ALA E 300 -13.82 28.13 58.51
N TYR E 301 -14.30 26.92 58.56
CA TYR E 301 -15.29 26.35 57.73
C TYR E 301 -16.64 26.98 57.96
N LYS E 302 -17.25 27.51 56.90
CA LYS E 302 -18.51 28.28 56.90
C LYS E 302 -19.78 27.41 56.80
N GLY E 303 -19.64 26.11 56.59
CA GLY E 303 -20.65 25.26 56.18
C GLY E 303 -21.01 25.25 54.75
N GLN E 304 -20.17 25.84 53.89
CA GLN E 304 -20.32 25.89 52.43
C GLN E 304 -18.98 25.60 51.73
N CYS E 305 -18.99 25.07 50.50
CA CYS E 305 -17.77 24.60 49.82
C CYS E 305 -17.53 25.11 48.39
N SER E 306 -16.24 25.12 48.05
CA SER E 306 -15.61 25.48 46.79
C SER E 306 -14.14 25.06 46.87
N PHE E 307 -13.29 25.40 45.91
CA PHE E 307 -11.86 25.09 46.02
C PHE E 307 -11.22 25.88 47.17
N PHE E 308 -11.43 27.20 47.25
CA PHE E 308 -10.79 28.01 48.28
C PHE E 308 -11.45 27.91 49.68
N ALA E 309 -12.60 27.26 49.82
CA ALA E 309 -13.30 27.10 51.12
C ALA E 309 -12.61 26.13 52.11
N VAL E 310 -11.70 25.31 51.57
CA VAL E 310 -11.01 24.16 52.00
C VAL E 310 -9.52 24.18 51.81
N PHE E 311 -9.03 24.65 50.71
CA PHE E 311 -7.70 24.75 50.26
C PHE E 311 -7.16 26.16 50.36
N HIS E 312 -6.05 26.41 50.96
CA HIS E 312 -5.39 27.65 51.11
C HIS E 312 -4.87 28.16 49.79
N PRO E 313 -4.82 29.47 49.50
CA PRO E 313 -4.25 29.95 48.24
C PRO E 313 -2.77 29.62 48.04
N HIS E 314 -2.03 29.24 49.08
CA HIS E 314 -0.74 28.68 49.02
C HIS E 314 -0.69 27.43 48.17
N PHE E 315 -1.77 26.67 48.13
CA PHE E 315 -1.86 25.49 47.28
C PHE E 315 -1.83 25.90 45.81
N VAL E 316 -2.69 26.82 45.34
CA VAL E 316 -2.60 27.31 43.95
C VAL E 316 -1.25 28.00 43.66
N LEU E 317 -0.60 28.58 44.67
CA LEU E 317 0.68 29.18 44.58
C LEU E 317 1.73 28.17 44.18
N THR E 318 1.86 27.12 44.93
CA THR E 318 2.70 26.01 44.70
C THR E 318 2.39 25.32 43.38
N LEU E 319 1.12 25.08 43.12
CA LEU E 319 0.65 24.36 41.94
C LEU E 319 0.97 25.13 40.65
N SER E 320 1.19 26.44 40.75
CA SER E 320 1.61 27.33 39.73
C SER E 320 3.11 27.38 39.58
N CYS E 321 3.83 27.61 40.64
CA CYS E 321 5.24 27.74 40.71
C CYS E 321 5.97 26.50 40.27
N VAL E 322 5.61 25.35 40.84
CA VAL E 322 6.25 24.05 40.54
C VAL E 322 5.53 23.27 39.42
N GLY E 323 4.22 23.42 39.28
CA GLY E 323 3.43 22.67 38.30
C GLY E 323 3.35 23.35 36.93
N PHE E 324 2.38 24.25 36.75
CA PHE E 324 1.92 24.65 35.43
C PHE E 324 2.90 25.49 34.59
N PHE E 325 3.62 26.43 35.19
CA PHE E 325 4.57 27.30 34.59
C PHE E 325 5.72 26.55 33.94
N PRO E 326 6.40 25.67 34.68
CA PRO E 326 7.39 24.82 34.05
C PRO E 326 6.92 24.03 32.87
N ALA E 327 5.73 23.44 32.99
CA ALA E 327 5.14 22.64 31.92
C ALA E 327 4.91 23.50 30.68
N MET E 328 4.40 24.71 30.83
CA MET E 328 4.16 25.67 29.83
C MET E 328 5.44 26.07 29.12
N LEU E 329 6.49 26.31 29.85
CA LEU E 329 7.78 26.62 29.38
C LEU E 329 8.33 25.53 28.50
N LEU E 330 8.28 24.31 28.93
CA LEU E 330 8.66 23.15 28.23
C LEU E 330 7.89 22.99 26.94
N PHE E 331 6.61 23.14 26.98
CA PHE E 331 5.70 23.16 25.90
C PHE E 331 6.14 24.11 24.83
N VAL E 332 6.36 25.34 25.18
CA VAL E 332 6.77 26.41 24.37
C VAL E 332 8.08 26.11 23.69
N PHE E 333 9.06 25.67 24.41
CA PHE E 333 10.35 25.32 23.96
C PHE E 333 10.30 24.25 22.91
N PHE E 334 9.64 23.16 23.17
CA PHE E 334 9.45 22.04 22.33
C PHE E 334 8.83 22.44 21.03
N TYR E 335 7.76 23.18 21.06
CA TYR E 335 7.02 23.63 19.95
C TYR E 335 7.77 24.63 19.11
N CYS E 336 8.56 25.48 19.76
CA CYS E 336 9.43 26.39 19.01
C CYS E 336 10.49 25.62 18.24
N ASP E 337 11.09 24.60 18.86
CA ASP E 337 12.06 23.79 18.15
C ASP E 337 11.42 23.06 16.97
N MET E 338 10.26 22.50 17.12
CA MET E 338 9.49 21.86 16.13
C MET E 338 9.16 22.80 14.99
N LEU E 339 8.76 24.02 15.36
CA LEU E 339 8.45 25.03 14.34
C LEU E 339 9.69 25.39 13.54
N LYS E 340 10.84 25.51 14.21
CA LYS E 340 12.08 25.81 13.48
C LYS E 340 12.40 24.70 12.49
N ILE E 341 12.29 23.44 12.93
CA ILE E 341 12.58 22.32 12.03
C ILE E 341 11.61 22.31 10.87
N ALA E 342 10.32 22.54 11.15
CA ALA E 342 9.32 22.55 10.09
C ALA E 342 9.57 23.69 9.12
N SER E 343 10.02 24.85 9.62
CA SER E 343 10.32 25.98 8.74
C SER E 343 11.50 25.65 7.82
N MET E 344 12.52 24.99 8.37
CA MET E 344 13.66 24.59 7.54
C MET E 344 13.20 23.63 6.44
N HIS E 345 12.40 22.62 6.82
CA HIS E 345 11.90 21.68 5.82
C HIS E 345 11.02 22.39 4.79
N SER E 346 10.24 23.37 5.23
CA SER E 346 9.36 24.10 4.32
C SER E 346 10.16 24.92 3.33
N GLN E 347 11.23 25.59 3.78
CA GLN E 347 12.06 26.35 2.85
C GLN E 347 12.75 25.43 1.85
N GLN E 348 13.23 24.27 2.32
CA GLN E 348 13.82 23.31 1.40
C GLN E 348 12.82 22.85 0.35
N ILE E 349 11.60 22.52 0.79
CA ILE E 349 10.57 22.03 -0.12
C ILE E 349 10.18 23.13 -1.10
N ARG E 350 10.08 24.37 -0.62
CA ARG E 350 9.74 25.48 -1.50
C ARG E 350 10.82 25.71 -2.55
N LYS E 351 12.09 25.58 -2.15
CA LYS E 351 13.17 25.71 -3.13
C LYS E 351 13.04 24.64 -4.21
N MET E 352 12.82 23.39 -3.81
CA MET E 352 12.67 22.33 -4.80
C MET E 352 11.46 22.56 -5.69
N GLU E 353 10.34 22.99 -5.13
CA GLU E 353 9.14 23.23 -5.93
C GLU E 353 9.35 24.37 -6.91
N HIS E 354 10.03 25.43 -6.47
CA HIS E 354 10.32 26.54 -7.37
C HIS E 354 11.23 26.09 -8.51
N ALA E 355 12.25 25.29 -8.21
CA ALA E 355 13.11 24.78 -9.26
C ALA E 355 12.33 23.93 -10.25
N GLY E 356 11.46 23.05 -9.75
CA GLY E 356 10.66 22.22 -10.64
C GLY E 356 9.72 23.04 -11.51
N ALA E 357 9.06 24.04 -10.91
CA ALA E 357 8.15 24.89 -11.67
C ALA E 357 8.91 25.66 -12.75
N MET E 358 10.10 26.17 -12.43
CA MET E 358 10.90 26.86 -13.42
C MET E 358 11.30 25.91 -14.55
N ALA E 359 11.65 24.67 -14.22
CA ALA E 359 11.95 23.69 -15.26
C ALA E 359 10.76 23.40 -16.15
N GLY E 360 9.57 23.29 -15.57
CA GLY E 360 8.36 23.00 -16.35
C GLY E 360 7.99 24.15 -17.27
N SER E 369 1.49 28.91 2.67
CA SER E 369 1.81 27.61 3.25
C SER E 369 2.91 27.74 4.30
N ASP E 370 3.68 28.82 4.20
CA ASP E 370 4.75 29.04 5.18
C ASP E 370 4.19 29.22 6.58
N PHE E 371 3.03 29.87 6.71
CA PHE E 371 2.42 30.13 8.00
C PHE E 371 1.65 28.94 8.54
N LYS E 372 1.60 27.82 7.80
CA LYS E 372 0.83 26.67 8.26
C LYS E 372 1.36 26.14 9.59
N ALA E 373 2.68 26.04 9.72
CA ALA E 373 3.26 25.59 10.98
C ALA E 373 2.90 26.53 12.13
N LEU E 374 3.00 27.85 11.87
CA LEU E 374 2.56 28.81 12.88
C LEU E 374 1.07 28.69 13.15
N ARG E 375 0.27 28.44 12.10
CA ARG E 375 -1.16 28.31 12.29
C ARG E 375 -1.50 27.23 13.30
N THR E 376 -0.67 26.19 13.41
CA THR E 376 -0.94 25.12 14.36
C THR E 376 -0.28 25.40 15.70
N VAL E 377 0.92 25.88 15.73
CA VAL E 377 1.69 26.18 16.88
C VAL E 377 1.00 27.18 17.75
N SER E 378 0.52 28.25 17.20
CA SER E 378 -0.19 29.29 17.83
C SER E 378 -1.43 28.79 18.52
N VAL E 379 -2.23 28.01 17.85
CA VAL E 379 -3.40 27.38 18.34
C VAL E 379 -3.10 26.52 19.54
N LEU E 380 -2.15 25.64 19.45
CA LEU E 380 -1.71 24.75 20.46
C LEU E 380 -1.29 25.49 21.71
N ILE E 381 -0.49 26.50 21.58
CA ILE E 381 0.02 27.32 22.61
C ILE E 381 -1.09 28.07 23.31
N GLY E 382 -1.93 28.73 22.58
CA GLY E 382 -2.99 29.48 23.04
C GLY E 382 -4.12 28.75 23.63
N SER E 383 -4.14 27.47 23.43
CA SER E 383 -4.90 26.48 24.08
C SER E 383 -4.32 26.06 25.41
N PHE E 384 -3.11 25.49 25.40
CA PHE E 384 -2.50 24.94 26.60
C PHE E 384 -2.25 25.98 27.68
N ALA E 385 -1.72 27.14 27.33
CA ALA E 385 -1.47 28.23 28.21
C ALA E 385 -2.75 28.83 28.72
N LEU E 386 -3.63 29.20 27.86
CA LEU E 386 -4.87 29.85 28.08
C LEU E 386 -5.81 29.05 28.95
N SER E 387 -5.75 27.76 28.92
CA SER E 387 -6.55 26.87 29.66
C SER E 387 -6.60 27.24 31.13
N TRP E 388 -5.46 27.35 31.80
CA TRP E 388 -5.38 27.58 33.26
C TRP E 388 -4.61 28.83 33.63
N THR E 389 -3.95 29.53 32.70
CA THR E 389 -3.21 30.69 32.97
C THR E 389 -3.97 31.72 33.77
N PRO E 390 -5.21 32.12 33.38
CA PRO E 390 -5.95 33.18 34.06
C PRO E 390 -6.32 32.89 35.52
N PHE E 391 -6.74 31.65 35.80
CA PHE E 391 -7.04 31.20 37.16
C PHE E 391 -5.79 31.27 38.04
N LEU E 392 -4.66 30.74 37.57
CA LEU E 392 -3.42 30.72 38.33
C LEU E 392 -2.86 32.12 38.59
N ILE E 393 -2.84 33.02 37.60
CA ILE E 393 -2.49 34.39 37.71
C ILE E 393 -3.31 35.08 38.76
N THR E 394 -4.63 34.86 38.72
CA THR E 394 -5.53 35.49 39.68
C THR E 394 -5.31 34.96 41.09
N GLY E 395 -5.04 33.67 41.26
CA GLY E 395 -4.63 33.09 42.54
C GLY E 395 -3.31 33.68 43.07
N ILE E 396 -2.31 33.90 42.22
CA ILE E 396 -1.08 34.53 42.51
C ILE E 396 -1.31 35.93 43.05
N VAL E 397 -2.11 36.70 42.38
CA VAL E 397 -2.52 38.00 42.74
C VAL E 397 -3.15 38.02 44.10
N GLN E 398 -4.12 37.14 44.33
CA GLN E 398 -4.83 37.00 45.62
C GLN E 398 -3.86 36.66 46.76
N VAL E 399 -2.85 35.81 46.52
CA VAL E 399 -1.82 35.47 47.42
C VAL E 399 -1.00 36.68 47.79
N ALA E 400 -0.55 37.42 46.84
CA ALA E 400 0.20 38.61 46.96
C ALA E 400 -0.56 39.70 47.68
N CYS E 401 -1.81 39.88 47.38
CA CYS E 401 -2.69 40.83 47.93
C CYS E 401 -2.90 40.61 49.41
N GLN E 402 -3.23 41.62 50.15
CA GLN E 402 -3.70 41.66 51.48
C GLN E 402 -5.19 41.87 51.61
N GLU E 403 -5.81 42.54 50.68
CA GLU E 403 -7.15 42.96 50.62
C GLU E 403 -7.87 42.79 49.31
N CYS E 404 -7.32 42.08 48.31
CA CYS E 404 -8.00 41.84 47.02
C CYS E 404 -9.16 40.82 47.15
N HIS E 405 -10.19 40.98 46.31
CA HIS E 405 -11.51 40.33 46.48
C HIS E 405 -11.98 39.57 45.22
N LEU E 406 -11.06 39.00 44.45
CA LEU E 406 -11.36 38.41 43.13
C LEU E 406 -12.06 37.04 43.17
N TYR E 407 -12.38 36.45 44.33
CA TYR E 407 -13.16 35.21 44.43
C TYR E 407 -14.49 35.25 43.63
N LEU E 408 -15.08 36.45 43.47
CA LEU E 408 -16.27 36.71 42.64
C LEU E 408 -16.12 36.32 41.16
N VAL E 409 -14.90 36.29 40.61
CA VAL E 409 -14.60 35.83 39.24
C VAL E 409 -13.71 34.59 39.21
N LEU E 410 -12.75 34.48 40.13
CA LEU E 410 -11.70 33.47 40.16
C LEU E 410 -12.27 32.06 40.07
N GLU E 411 -13.06 31.65 41.06
CA GLU E 411 -13.74 30.34 41.05
C GLU E 411 -15.22 30.43 40.65
N ARG E 412 -15.55 31.40 39.77
CA ARG E 412 -16.87 31.57 39.15
C ARG E 412 -16.85 31.54 37.63
N TYR E 413 -15.81 32.08 37.00
CA TYR E 413 -15.69 32.17 35.54
C TYR E 413 -14.27 31.88 35.04
N LEU E 414 -13.21 32.33 35.73
CA LEU E 414 -11.84 32.07 35.27
C LEU E 414 -11.44 30.59 35.37
N TRP E 415 -12.03 29.87 36.31
CA TRP E 415 -12.03 28.41 36.38
C TRP E 415 -12.51 27.74 35.08
N LEU E 416 -13.58 28.25 34.47
CA LEU E 416 -14.25 27.58 33.35
C LEU E 416 -13.42 27.59 32.06
N LEU E 417 -12.51 28.53 31.89
CA LEU E 417 -11.57 28.54 30.76
C LEU E 417 -10.72 27.27 30.73
N GLY E 418 -10.39 26.77 31.91
CA GLY E 418 -9.82 25.54 32.19
C GLY E 418 -10.61 24.34 31.87
N VAL E 419 -11.85 24.31 32.22
CA VAL E 419 -12.80 23.32 31.91
C VAL E 419 -13.03 23.21 30.43
N GLY E 420 -13.13 24.30 29.75
CA GLY E 420 -13.27 24.37 28.38
C GLY E 420 -12.22 23.71 27.58
N ASN E 421 -11.04 23.59 28.11
CA ASN E 421 -9.94 22.89 27.57
C ASN E 421 -10.28 21.45 27.29
N SER E 422 -10.94 20.79 28.20
CA SER E 422 -11.43 19.47 28.12
C SER E 422 -12.34 19.26 26.94
N LEU E 423 -12.99 20.26 26.44
CA LEU E 423 -13.81 20.32 25.29
C LEU E 423 -13.07 20.57 24.01
N LEU E 424 -12.05 21.37 24.03
CA LEU E 424 -11.18 21.71 22.97
C LEU E 424 -10.25 20.60 22.59
N ASN E 425 -9.76 19.86 23.53
CA ASN E 425 -8.89 18.74 23.41
C ASN E 425 -9.41 17.65 22.52
N PRO E 426 -10.62 17.13 22.77
CA PRO E 426 -11.13 16.05 21.91
C PRO E 426 -11.26 16.45 20.45
N LEU E 427 -11.28 17.74 20.15
CA LEU E 427 -11.21 18.18 18.76
C LEU E 427 -9.76 18.28 18.30
N ILE E 428 -8.92 19.02 18.97
CA ILE E 428 -7.59 19.35 18.61
C ILE E 428 -6.75 18.12 18.42
N TYR E 429 -6.71 17.25 19.38
CA TYR E 429 -5.90 16.10 19.51
C TYR E 429 -6.42 14.85 18.86
N ALA E 430 -7.73 14.79 18.60
CA ALA E 430 -8.32 13.60 18.00
C ALA E 430 -8.94 13.89 16.64
N TYR E 431 -9.84 14.88 16.58
CA TYR E 431 -10.54 15.16 15.34
C TYR E 431 -9.62 15.74 14.28
N TRP E 432 -8.54 16.41 14.68
CA TRP E 432 -7.60 16.98 13.72
C TRP E 432 -6.82 15.90 12.98
N GLN E 433 -6.85 14.66 13.47
CA GLN E 433 -6.16 13.54 12.83
C GLN E 433 -7.09 12.89 11.82
N LYS E 434 -6.55 12.55 10.64
CA LYS E 434 -7.36 11.96 9.59
C LYS E 434 -7.86 10.57 9.97
N GLU E 435 -7.06 9.81 10.71
CA GLU E 435 -7.45 8.46 11.09
C GLU E 435 -8.69 8.49 11.97
N VAL E 436 -8.73 9.41 12.94
CA VAL E 436 -9.89 9.50 13.83
C VAL E 436 -11.12 9.95 13.06
N ARG E 437 -10.94 10.87 12.11
CA ARG E 437 -12.08 11.30 11.29
C ARG E 437 -12.62 10.14 10.48
N LEU E 438 -11.73 9.32 9.89
CA LEU E 438 -12.18 8.15 9.14
C LEU E 438 -12.91 7.17 10.05
N GLN E 439 -12.39 6.95 11.26
CA GLN E 439 -13.04 6.01 12.18
C GLN E 439 -14.42 6.53 12.59
N LEU E 440 -14.55 7.83 12.82
CA LEU E 440 -15.85 8.40 13.15
C LEU E 440 -16.82 8.30 11.98
N TYR E 441 -16.33 8.51 10.76
CA TYR E 441 -17.18 8.34 9.58
C TYR E 441 -17.66 6.89 9.49
N HIS E 442 -16.77 5.94 9.80
CA HIS E 442 -17.17 4.54 9.83
C HIS E 442 -18.22 4.27 10.90
N MET E 443 -18.08 4.90 12.07
CA MET E 443 -19.12 4.77 13.08
C MET E 443 -20.46 5.29 12.56
N ALA E 444 -20.43 6.44 11.89
CA ALA E 444 -21.66 7.03 11.39
C ALA E 444 -22.31 6.10 10.36
N LEU E 445 -21.51 5.54 9.45
CA LEU E 445 -22.07 4.62 8.47
C LEU E 445 -22.63 3.38 9.14
N GLY E 446 -21.92 2.82 10.12
CA GLY E 446 -22.42 1.64 10.82
C GLY E 446 -23.73 1.91 11.55
N VAL E 447 -23.81 3.07 12.22
CA VAL E 447 -25.04 3.43 12.91
C VAL E 447 -26.18 3.61 11.92
N LYS E 448 -25.92 4.26 10.79
CA LYS E 448 -26.94 4.39 9.75
C LYS E 448 -27.35 3.03 9.23
N LYS E 449 -26.46 2.04 9.31
CA LYS E 449 -26.75 0.68 8.86
C LYS E 449 -27.44 -0.16 9.94
N VAL E 450 -27.84 0.45 11.05
CA VAL E 450 -28.52 -0.27 12.12
C VAL E 450 -29.94 0.27 12.26
C1 LSC F . 1.69 19.54 36.91
C2 LSC F . 0.54 20.34 36.28
C3 LSC F . -0.55 20.71 37.32
C4 LSC F . -1.74 21.46 36.69
C5 LSC F . -2.80 21.79 37.76
C6 LSC F . -4.06 22.48 37.20
C7 LSC F . -5.01 22.83 38.36
C8 LSC F . -6.30 23.53 37.92
C9 LSC F . -7.19 23.77 39.12
C10 LSC F . -8.32 23.11 39.38
C11 LSC F . -9.12 23.32 40.65
C12 LSC F . -9.81 24.71 40.69
C13 LSC F . -11.14 24.74 39.93
C14 LSC F . -12.35 24.30 40.79
C15 LSC F . -13.15 25.50 41.35
C16 LSC F . -14.50 25.09 42.00
C17 LSC F . -15.37 26.32 42.34
C18 LSC F . -16.87 26.08 42.72
O19 LSC F . -17.59 27.02 43.55
C20 LSC F . -18.37 28.08 42.94
C21 LSC F . -19.26 28.82 43.98
C22 LSC F . -18.42 28.96 45.26
O23 LSC F . -18.19 30.02 46.19
P24 LSC F . -18.77 31.53 46.05
O25 LSC F . -19.55 31.67 44.82
C30 LSC F . -16.56 32.39 47.22
C31 LSC F . -15.56 31.19 47.33
N32 LSC F . -15.21 30.69 48.76
O32 LSC F . -17.43 25.11 42.32
C33 LSC F . -15.45 31.88 49.59
O33 LSC F . -20.38 28.04 44.26
C34 LSC F . -16.27 29.80 49.26
O34 LSC F . -19.58 31.94 47.22
C35 LSC F . -13.86 30.45 49.19
O35 LSC F . -17.34 32.30 46.03
H1 LSC F . 1.35 18.53 37.13
H1A LSC F . 2.01 20.03 37.84
H1B LSC F . 2.53 19.51 36.21
H2 LSC F . 0.08 19.75 35.48
H2A LSC F . 0.93 21.26 35.84
H3 LSC F . -0.10 21.33 38.08
H3A LSC F . -0.91 19.79 37.77
H4 LSC F . -2.19 20.84 35.91
H4A LSC F . -1.39 22.39 36.24
H5 LSC F . -2.35 22.54 38.29
H5A LSC F . -3.03 20.93 38.39
H6 LSC F . -4.57 21.83 36.51
H6A LSC F . -3.76 23.40 36.69
H7 LSC F . -4.48 23.48 39.07
H7A LSC F . -5.28 21.91 38.89
H8 LSC F . -6.83 22.91 37.20
H8A LSC F . -6.06 24.49 37.45
H9 LSC F . -7.29 22.98 38.39
H10 LSC F . -8.61 22.16 38.96
H11 LSC F . -8.45 23.23 41.51
H11A LSC F . -9.89 22.55 40.71
H12 LSC F . -9.13 25.44 40.25
H12A LSC F . -9.99 24.97 41.74
H13 LSC F . -11.07 24.08 39.07
H13A LSC F . -11.31 25.75 39.58
H14 LSC F . -11.99 23.70 41.63
H14A LSC F . -13.01 23.69 40.19
H15 LSC F . -13.36 26.20 40.54
H15A LSC F . -12.55 26.00 42.10
H16 LSC F . -14.30 24.52 42.91
H16A LSC F . -15.04 24.45 41.30
H17 LSC F . -15.37 26.97 41.47
H17A LSC F . -14.92 26.81 43.20
H20 LSC F . -19.00 27.65 42.17
H20A LSC F . -17.67 28.78 42.50
H21 LSC F . -19.60 29.78 43.62
H22 LSC F . -18.77 28.14 45.88
H22A LSC F . -17.42 28.67 44.93
H30 LSC F . -16.01 33.32 47.24
H30A LSC F . -17.26 32.37 48.06
H31 LSC F . -14.63 31.49 46.86
H31A LSC F . -15.97 30.36 46.77
H33 LSC F . -14.93 32.73 49.15
H33A LSC F . -15.05 31.71 50.59
H33B LSC F . -16.51 32.08 49.65
HO33 LSC F . -20.89 27.94 43.46
H34 LSC F . -17.24 30.31 49.17
H34A LSC F . -16.09 29.56 50.31
H34B LSC F . -16.29 28.89 48.68
H35 LSC F . -13.62 29.55 48.73
H35A LSC F . -13.81 30.35 50.27
H35B LSC F . -13.20 31.26 48.84
#